data_5OGL
#
_entry.id   5OGL
#
_cell.length_a   83.940
_cell.length_b   116.180
_cell.length_c   172.020
_cell.angle_alpha   90.00
_cell.angle_beta   90.00
_cell.angle_gamma   90.00
#
_symmetry.space_group_name_H-M   'P 21 21 21'
#
loop_
_entity.id
_entity.type
_entity.pdbx_description
1 polymer 'Undecaprenyl-diphosphooligosaccharide--protein glycotransferase'
2 polymer 'Substrate mimicking peptide'
3 non-polymer 'MANGANESE (II) ION'
4 non-polymer '[(2~{S},3~{R},4~{R},5~{S},6~{R})-3-acetamido-6-(hydroxymethyl)-4,5-bis(oxidanyl)oxan-2-yl]methyl-[oxidanyl-[(2~{Z},6~{Z},10~{Z})-3,7,11,15-tetramethylhexadeca-2,6,10,14-tetraenoxy]phosphoryl]oxy-phosphinic acid'
5 non-polymer 'SODIUM ION'
6 water water
#
loop_
_entity_poly.entity_id
_entity_poly.type
_entity_poly.pdbx_seq_one_letter_code
_entity_poly.pdbx_strand_id
1 'polypeptide(L)'
;MELQQNFTDNNSIKYTAILILIAFAFSVLARLYWVAWASEFYEFFFNDQLMITTNDGYAFAEGARDMIAGFHQPNDLSYF
GSSLSTLTYWLYSILPFSFESIILYMSTFFASLIVVPIILIAREYKLTTYGFIAALLGSIANSYYNRTMSGYYDTDMLVL
VLPMLILLTFIRLTINKDIFTLLLSPVFIMIYLWWYPSSYSLNFAMIGLFGLYTLVFHRKEKIFYLTIALMIIALSMLAW
QYKLALIVLLFAIFAFKEEKINFYMIWALIFISILILHLSGGLDPVLYQLKFYVFKASDVQNLKDAAFMYFNVNETIMEV
NTIDPEVFMQRISSSVLVFILSFIGFILLLKDHKSMLLALPMLALGFMALRAGLRFTIYAVPVMALGFGYFLYAFFNFLE
KKQIKLSLRNKNILLILIAFFSISPALMHIYYYKSSTVFTSYEASILNDLKNKAQREDYVVAWWDYGYPIRYYSDVKTLI
DGGKHLGKDNFFSSFVLSKEQIPAANMARLSVEYTEKSFKENYPDVLKAMVKDYQKTSAKDFLESLNDPNFKIDTPKTRD
VYIYMPYRMLRIMPVVAQFANTNPDNGEQEKSLFFSQANPLDQDKKQGSITLDNGVEISNDYRSLKIEGNSIPLKAFVDI
ESITNGKFYYNEIDSKAQIYLLYLREYKSYVILDESLYNSSYIQMFLLNQYDQDLFEQITNDTRAKIYRLKRE
;
A
2 'polypeptide(L)' GDQNAT(PPN)G B
#
loop_
_chem_comp.id
_chem_comp.type
_chem_comp.name
_chem_comp.formula
9UB non-polymer '[(2~{S},3~{R},4~{R},5~{S},6~{R})-3-acetamido-6-(hydroxymethyl)-4,5-bis(oxidanyl)oxan-2-yl]methyl-[oxidanyl-[(2~{Z},6~{Z},10~{Z})-3,7,11,15-tetramethylhexadeca-2,6,10,14-tetraenoxy]phosphoryl]oxy-phosphinic acid' 'C29 H51 N O11 P2'
MN non-polymer 'MANGANESE (II) ION' 'Mn 2'
NA non-polymer 'SODIUM ION' 'Na 1'
#
# COMPACT_ATOMS: atom_id res chain seq x y z
N GLU A 2 6.82 -45.66 -4.97
CA GLU A 2 7.04 -44.22 -5.08
C GLU A 2 6.61 -43.45 -3.82
N LEU A 3 5.49 -43.89 -3.19
CA LEU A 3 4.99 -43.25 -1.99
C LEU A 3 5.41 -43.96 -0.70
N GLN A 4 5.88 -45.21 -0.79
CA GLN A 4 6.30 -45.95 0.38
C GLN A 4 7.55 -45.37 1.03
N GLN A 5 8.30 -44.50 0.35
CA GLN A 5 9.57 -44.06 0.91
C GLN A 5 9.36 -43.01 2.02
N ASN A 6 10.46 -42.71 2.72
CA ASN A 6 10.50 -41.80 3.86
C ASN A 6 10.91 -40.40 3.38
N PHE A 7 10.01 -39.43 3.53
CA PHE A 7 10.33 -38.04 3.18
C PHE A 7 10.66 -37.18 4.40
N THR A 8 10.15 -37.54 5.58
CA THR A 8 10.29 -36.71 6.78
C THR A 8 11.75 -36.57 7.20
N ASP A 9 12.47 -37.69 7.27
CA ASP A 9 13.88 -37.70 7.70
C ASP A 9 14.82 -37.09 6.66
N ASN A 10 14.38 -36.91 5.41
CA ASN A 10 15.24 -36.41 4.34
C ASN A 10 15.39 -34.89 4.42
N ASN A 11 16.65 -34.44 4.52
CA ASN A 11 17.05 -33.04 4.55
C ASN A 11 18.25 -32.78 3.62
N SER A 12 18.46 -33.64 2.62
CA SER A 12 19.57 -33.47 1.70
C SER A 12 19.39 -32.21 0.85
N ILE A 13 20.52 -31.73 0.33
CA ILE A 13 20.53 -30.54 -0.53
C ILE A 13 19.75 -30.82 -1.82
N LYS A 14 19.86 -32.04 -2.37
CA LYS A 14 19.14 -32.37 -3.60
C LYS A 14 17.63 -32.34 -3.37
N TYR A 15 17.17 -32.98 -2.29
CA TYR A 15 15.75 -33.01 -1.97
C TYR A 15 15.21 -31.61 -1.67
N THR A 16 16.01 -30.80 -0.96
CA THR A 16 15.59 -29.45 -0.62
C THR A 16 15.53 -28.56 -1.85
N ALA A 17 16.44 -28.76 -2.80
CA ALA A 17 16.37 -28.03 -4.06
C ALA A 17 15.13 -28.41 -4.85
N ILE A 18 14.81 -29.71 -4.90
CA ILE A 18 13.61 -30.12 -5.62
C ILE A 18 12.37 -29.53 -4.95
N LEU A 19 12.34 -29.53 -3.62
CA LEU A 19 11.19 -28.97 -2.92
C LEU A 19 11.06 -27.46 -3.19
N ILE A 20 12.17 -26.72 -3.11
CA ILE A 20 12.13 -25.29 -3.41
C ILE A 20 11.61 -25.06 -4.82
N LEU A 21 12.08 -25.85 -5.79
CA LEU A 21 11.60 -25.66 -7.15
C LEU A 21 10.11 -25.92 -7.27
N ILE A 22 9.62 -26.99 -6.63
CA ILE A 22 8.20 -27.33 -6.73
C ILE A 22 7.35 -26.24 -6.07
N ALA A 23 7.74 -25.81 -4.87
CA ALA A 23 6.99 -24.77 -4.19
C ALA A 23 7.03 -23.46 -4.97
N PHE A 24 8.18 -23.10 -5.53
CA PHE A 24 8.27 -21.87 -6.32
C PHE A 24 7.36 -21.93 -7.54
N ALA A 25 7.39 -23.04 -8.29
CA ALA A 25 6.50 -23.21 -9.43
C ALA A 25 5.03 -23.20 -8.99
N PHE A 26 4.75 -23.70 -7.79
CA PHE A 26 3.38 -23.66 -7.29
C PHE A 26 2.95 -22.22 -7.03
N SER A 27 3.83 -21.43 -6.41
CA SER A 27 3.50 -20.05 -6.09
C SER A 27 3.23 -19.26 -7.37
N VAL A 28 4.11 -19.42 -8.37
CA VAL A 28 3.90 -18.71 -9.65
C VAL A 28 2.62 -19.20 -10.33
N LEU A 29 2.55 -20.51 -10.60
CA LEU A 29 1.35 -21.12 -11.17
C LEU A 29 0.08 -20.62 -10.49
N ALA A 30 0.11 -20.51 -9.16
CA ALA A 30 -1.09 -20.09 -8.44
C ALA A 30 -1.44 -18.65 -8.75
N ARG A 31 -0.45 -17.76 -8.89
CA ARG A 31 -0.89 -16.42 -9.26
C ARG A 31 -1.02 -16.22 -10.76
N LEU A 32 -0.93 -17.30 -11.55
CA LEU A 32 -1.24 -17.20 -12.98
C LEU A 32 -2.73 -17.31 -13.28
N TYR A 33 -3.53 -17.77 -12.32
CA TYR A 33 -4.96 -17.92 -12.57
C TYR A 33 -5.62 -16.59 -12.88
N TRP A 34 -5.27 -15.56 -12.10
CA TRP A 34 -5.86 -14.24 -12.34
C TRP A 34 -5.54 -13.74 -13.74
N VAL A 35 -4.31 -13.98 -14.22
CA VAL A 35 -3.97 -13.54 -15.58
C VAL A 35 -4.88 -14.24 -16.60
N ALA A 36 -5.05 -15.56 -16.46
CA ALA A 36 -5.98 -16.25 -17.35
C ALA A 36 -7.39 -15.67 -17.26
N TRP A 37 -7.85 -15.30 -16.05
CA TRP A 37 -9.19 -14.77 -15.92
C TRP A 37 -9.31 -13.39 -16.55
N ALA A 38 -8.45 -12.46 -16.12
CA ALA A 38 -8.52 -11.08 -16.54
C ALA A 38 -8.31 -10.93 -18.03
N SER A 39 -7.57 -11.86 -18.64
CA SER A 39 -7.21 -11.69 -20.04
C SER A 39 -8.41 -11.71 -20.97
N GLU A 40 -9.58 -12.15 -20.53
CA GLU A 40 -10.69 -12.19 -21.46
C GLU A 40 -11.50 -10.90 -21.47
N PHE A 41 -11.05 -9.86 -20.74
CA PHE A 41 -11.76 -8.59 -20.61
C PHE A 41 -10.92 -7.45 -21.17
N TYR A 42 -11.40 -6.82 -22.25
CA TYR A 42 -10.69 -5.69 -22.85
C TYR A 42 -10.50 -4.55 -21.87
N GLU A 43 -11.33 -4.45 -20.86
CA GLU A 43 -11.29 -3.31 -19.96
C GLU A 43 -9.98 -3.24 -19.20
N PHE A 44 -9.22 -4.35 -19.17
CA PHE A 44 -8.05 -4.48 -18.34
C PHE A 44 -6.73 -4.34 -19.13
N PHE A 45 -6.79 -4.01 -20.41
CA PHE A 45 -5.57 -3.97 -21.22
C PHE A 45 -5.11 -2.55 -21.51
N PHE A 46 -3.83 -2.43 -21.84
CA PHE A 46 -3.30 -1.22 -22.44
C PHE A 46 -1.97 -1.58 -23.08
N ASN A 47 -1.74 -1.12 -24.31
CA ASN A 47 -0.50 -1.43 -24.99
C ASN A 47 -0.30 -2.93 -25.14
N ASP A 48 -1.39 -3.65 -25.42
CA ASP A 48 -1.38 -5.10 -25.68
C ASP A 48 -1.08 -5.94 -24.44
N GLN A 49 -1.11 -5.37 -23.24
CA GLN A 49 -0.85 -6.14 -22.04
C GLN A 49 -1.81 -5.70 -20.93
N LEU A 50 -2.10 -6.62 -19.99
CA LEU A 50 -2.88 -6.23 -18.83
C LEU A 50 -2.19 -5.11 -18.08
N MET A 51 -2.97 -4.37 -17.31
CA MET A 51 -2.45 -3.24 -16.56
C MET A 51 -2.18 -3.63 -15.11
N ILE A 52 -1.33 -2.83 -14.47
CA ILE A 52 -0.99 -2.98 -13.06
C ILE A 52 -2.25 -2.91 -12.17
N THR A 53 -2.09 -3.32 -10.92
CA THR A 53 -3.24 -3.67 -10.11
C THR A 53 -3.27 -3.01 -8.72
N THR A 54 -2.28 -2.19 -8.37
CA THR A 54 -2.35 -1.28 -7.24
C THR A 54 -2.02 0.14 -7.67
N ASN A 55 -2.71 1.10 -7.05
CA ASN A 55 -2.36 2.50 -7.24
C ASN A 55 -0.88 2.79 -7.06
N ASP A 56 -0.21 2.14 -6.11
CA ASP A 56 1.17 2.53 -5.82
C ASP A 56 2.15 2.08 -6.88
N GLY A 57 1.76 1.07 -7.66
CA GLY A 57 2.63 0.57 -8.73
C GLY A 57 2.97 1.62 -9.77
N TYR A 58 2.05 2.54 -10.04
CA TYR A 58 2.34 3.55 -11.06
C TYR A 58 3.43 4.51 -10.63
N ALA A 59 3.73 4.61 -9.33
CA ALA A 59 4.84 5.47 -8.89
C ALA A 59 6.17 4.90 -9.36
N PHE A 60 6.44 3.65 -9.01
CA PHE A 60 7.63 2.97 -9.46
C PHE A 60 7.63 2.77 -10.97
N ALA A 61 6.44 2.68 -11.59
CA ALA A 61 6.37 2.55 -13.05
C ALA A 61 6.78 3.83 -13.74
N GLU A 62 6.31 4.97 -13.22
CA GLU A 62 6.78 6.26 -13.72
C GLU A 62 8.31 6.37 -13.57
N GLY A 63 8.82 5.98 -12.39
CA GLY A 63 10.24 6.07 -12.15
C GLY A 63 11.04 5.20 -13.11
N ALA A 64 10.59 3.97 -13.34
CA ALA A 64 11.25 3.07 -14.30
C ALA A 64 11.22 3.68 -15.71
N ARG A 65 10.05 4.10 -16.17
CA ARG A 65 9.95 4.76 -17.47
C ARG A 65 10.94 5.90 -17.61
N ASP A 66 11.13 6.68 -16.55
CA ASP A 66 12.00 7.85 -16.70
C ASP A 66 13.46 7.43 -16.70
N MET A 67 13.81 6.42 -15.90
CA MET A 67 15.16 5.86 -15.96
C MET A 67 15.47 5.32 -17.36
N ILE A 68 14.52 4.60 -17.97
CA ILE A 68 14.72 4.09 -19.32
C ILE A 68 14.92 5.23 -20.30
N ALA A 69 14.08 6.28 -20.20
CA ALA A 69 14.27 7.44 -21.07
C ALA A 69 15.52 8.23 -20.69
N GLY A 70 15.95 8.16 -19.44
CA GLY A 70 17.17 8.78 -19.01
C GLY A 70 17.04 10.15 -18.37
N PHE A 71 15.83 10.57 -18.00
CA PHE A 71 15.64 11.88 -17.39
C PHE A 71 14.21 11.95 -16.87
N HIS A 72 13.98 12.90 -15.97
CA HIS A 72 12.62 13.30 -15.60
C HIS A 72 12.59 14.83 -15.54
N GLN A 73 11.43 15.38 -15.19
CA GLN A 73 11.38 16.82 -15.03
C GLN A 73 11.80 17.21 -13.61
N PRO A 74 12.34 18.40 -13.43
CA PRO A 74 12.62 18.88 -12.08
C PRO A 74 11.32 19.11 -11.31
N ASN A 75 11.14 18.33 -10.24
CA ASN A 75 10.10 18.40 -9.23
C ASN A 75 8.78 17.79 -9.67
N ASP A 76 8.71 17.04 -10.75
CA ASP A 76 7.71 15.99 -10.77
C ASP A 76 8.22 14.97 -9.76
N LEU A 77 7.35 14.41 -8.94
CA LEU A 77 8.01 13.69 -7.87
C LEU A 77 8.32 12.26 -8.29
N SER A 78 9.03 12.10 -9.40
CA SER A 78 9.26 10.80 -10.00
C SER A 78 10.17 9.93 -9.14
N TYR A 79 9.80 8.66 -8.99
CA TYR A 79 10.60 7.69 -8.24
C TYR A 79 11.85 7.24 -9.01
N PHE A 80 12.40 8.13 -9.83
CA PHE A 80 13.68 7.94 -10.49
C PHE A 80 14.75 7.55 -9.49
N GLY A 81 15.41 6.42 -9.72
CA GLY A 81 16.40 5.92 -8.79
C GLY A 81 15.84 5.12 -7.64
N SER A 82 14.53 5.04 -7.49
CA SER A 82 13.99 4.20 -6.44
C SER A 82 14.40 2.75 -6.67
N SER A 83 14.26 1.93 -5.63
CA SER A 83 14.75 0.57 -5.71
C SER A 83 13.96 -0.24 -6.76
N LEU A 84 12.64 -0.34 -6.58
CA LEU A 84 11.84 -1.11 -7.52
C LEU A 84 11.90 -0.53 -8.94
N SER A 85 11.99 0.80 -9.07
CA SER A 85 12.17 1.34 -10.41
C SER A 85 13.50 0.91 -10.98
N THR A 86 14.53 0.82 -10.14
CA THR A 86 15.86 0.48 -10.63
C THR A 86 15.97 -0.98 -11.02
N LEU A 87 15.38 -1.87 -10.23
CA LEU A 87 15.36 -3.27 -10.59
C LEU A 87 14.53 -3.48 -11.88
N THR A 88 13.42 -2.75 -12.01
CA THR A 88 12.64 -2.79 -13.25
C THR A 88 13.48 -2.36 -14.45
N TYR A 89 14.28 -1.30 -14.30
CA TYR A 89 15.09 -0.80 -15.40
C TYR A 89 16.17 -1.79 -15.80
N TRP A 90 16.82 -2.42 -14.82
CA TRP A 90 17.80 -3.46 -15.13
C TRP A 90 17.16 -4.61 -15.90
N LEU A 91 16.06 -5.15 -15.36
CA LEU A 91 15.38 -6.27 -16.00
C LEU A 91 14.89 -5.90 -17.41
N TYR A 92 14.35 -4.70 -17.55
CA TYR A 92 13.90 -4.25 -18.87
C TYR A 92 15.04 -4.21 -19.87
N SER A 93 16.22 -3.70 -19.46
CA SER A 93 17.34 -3.62 -20.38
C SER A 93 17.94 -4.98 -20.71
N ILE A 94 17.68 -5.99 -19.89
CA ILE A 94 18.33 -7.30 -20.03
C ILE A 94 17.42 -8.35 -20.68
N LEU A 95 16.10 -8.18 -20.63
CA LEU A 95 15.10 -9.16 -21.05
C LEU A 95 14.43 -8.75 -22.36
N PRO A 96 13.65 -9.63 -22.98
CA PRO A 96 13.03 -9.28 -24.28
C PRO A 96 11.55 -8.91 -24.22
N PHE A 97 10.95 -8.81 -23.05
CA PHE A 97 9.51 -8.58 -22.94
C PHE A 97 9.20 -7.10 -22.85
N SER A 98 7.98 -6.75 -23.28
CA SER A 98 7.53 -5.37 -23.20
C SER A 98 7.51 -4.87 -21.76
N PHE A 99 7.66 -3.56 -21.61
CA PHE A 99 7.62 -2.90 -20.30
C PHE A 99 6.43 -3.35 -19.46
N GLU A 100 5.25 -3.36 -20.07
CA GLU A 100 4.03 -3.71 -19.34
C GLU A 100 4.07 -5.15 -18.82
N SER A 101 4.73 -6.05 -19.56
CA SER A 101 4.80 -7.44 -19.11
C SER A 101 5.73 -7.61 -17.92
N ILE A 102 6.89 -6.97 -17.96
CA ILE A 102 7.81 -7.00 -16.83
C ILE A 102 7.12 -6.48 -15.58
N ILE A 103 6.56 -5.28 -15.70
CA ILE A 103 5.91 -4.63 -14.57
C ILE A 103 4.72 -5.45 -14.07
N LEU A 104 4.09 -6.22 -14.97
CA LEU A 104 3.00 -7.10 -14.57
C LEU A 104 3.51 -8.31 -13.77
N TYR A 105 4.67 -8.88 -14.14
CA TYR A 105 5.05 -10.20 -13.64
C TYR A 105 6.14 -10.21 -12.55
N MET A 106 6.77 -9.07 -12.26
CA MET A 106 7.83 -9.05 -11.25
C MET A 106 7.36 -9.58 -9.90
N SER A 107 6.23 -9.10 -9.39
CA SER A 107 5.73 -9.61 -8.11
C SER A 107 5.53 -11.12 -8.17
N THR A 108 4.99 -11.60 -9.29
CA THR A 108 4.80 -13.03 -9.48
C THR A 108 6.13 -13.79 -9.36
N PHE A 109 7.23 -13.18 -9.76
CA PHE A 109 8.50 -13.87 -9.58
C PHE A 109 9.04 -13.68 -8.15
N PHE A 110 9.22 -12.43 -7.73
CA PHE A 110 10.02 -12.14 -6.54
C PHE A 110 9.27 -12.47 -5.26
N ALA A 111 7.97 -12.21 -5.21
CA ALA A 111 7.22 -12.58 -4.01
C ALA A 111 7.25 -14.07 -3.76
N SER A 112 7.40 -14.87 -4.82
CA SER A 112 7.44 -16.31 -4.72
C SER A 112 8.76 -16.80 -4.14
N LEU A 113 9.81 -15.97 -4.18
CA LEU A 113 11.06 -16.27 -3.49
C LEU A 113 10.87 -16.57 -2.02
N ILE A 114 9.75 -16.15 -1.42
CA ILE A 114 9.48 -16.38 -0.01
C ILE A 114 9.56 -17.86 0.33
N VAL A 115 9.40 -18.69 -0.69
CA VAL A 115 9.44 -20.14 -0.55
C VAL A 115 10.83 -20.61 -0.10
N VAL A 116 11.89 -19.94 -0.56
CA VAL A 116 13.28 -20.28 -0.23
C VAL A 116 13.51 -20.19 1.27
N PRO A 117 13.41 -19.02 1.91
CA PRO A 117 13.77 -18.95 3.35
C PRO A 117 12.88 -19.82 4.24
N ILE A 118 11.61 -20.01 3.88
CA ILE A 118 10.73 -20.80 4.73
C ILE A 118 11.27 -22.21 4.87
N ILE A 119 11.60 -22.86 3.75
CA ILE A 119 11.98 -24.27 3.87
C ILE A 119 13.47 -24.44 4.16
N LEU A 120 14.31 -23.40 3.94
CA LEU A 120 15.67 -23.46 4.48
C LEU A 120 15.70 -23.27 6.00
N ILE A 121 14.80 -22.43 6.54
CA ILE A 121 14.66 -22.32 7.99
C ILE A 121 14.16 -23.63 8.57
N ALA A 122 13.10 -24.19 7.98
CA ALA A 122 12.62 -25.48 8.45
C ALA A 122 13.73 -26.52 8.35
N ARG A 123 14.62 -26.37 7.37
CA ARG A 123 15.69 -27.33 7.19
C ARG A 123 16.74 -27.22 8.29
N GLU A 124 17.05 -25.99 8.72
CA GLU A 124 17.97 -25.82 9.85
C GLU A 124 17.50 -26.59 11.09
N TYR A 125 16.21 -26.89 11.19
CA TYR A 125 15.65 -27.67 12.29
C TYR A 125 15.44 -29.13 11.91
N LYS A 126 15.96 -29.56 10.76
CA LYS A 126 15.83 -30.93 10.29
C LYS A 126 14.35 -31.29 10.01
N LEU A 127 13.62 -30.35 9.40
CA LEU A 127 12.18 -30.51 9.15
C LEU A 127 11.80 -30.10 7.73
N THR A 128 12.68 -30.37 6.74
CA THR A 128 12.54 -29.76 5.41
C THR A 128 11.16 -30.00 4.78
N THR A 129 10.62 -31.21 4.93
CA THR A 129 9.35 -31.53 4.28
C THR A 129 8.21 -30.67 4.83
N TYR A 130 8.11 -30.57 6.16
CA TYR A 130 7.16 -29.65 6.76
C TYR A 130 7.42 -28.21 6.30
N GLY A 131 8.68 -27.86 6.09
CA GLY A 131 8.98 -26.59 5.42
C GLY A 131 8.29 -26.47 4.09
N PHE A 132 8.31 -27.53 3.27
CA PHE A 132 7.63 -27.50 1.99
C PHE A 132 6.16 -27.20 2.17
N ILE A 133 5.48 -27.89 3.09
CA ILE A 133 4.07 -27.56 3.34
C ILE A 133 3.92 -26.10 3.74
N ALA A 134 4.75 -25.65 4.69
CA ALA A 134 4.68 -24.26 5.17
C ALA A 134 4.87 -23.27 4.03
N ALA A 135 5.72 -23.59 3.06
CA ALA A 135 5.97 -22.68 1.96
C ALA A 135 4.76 -22.64 1.03
N LEU A 136 4.10 -23.79 0.84
CA LEU A 136 2.86 -23.78 0.09
C LEU A 136 1.83 -22.85 0.72
N LEU A 137 1.55 -23.04 2.02
CA LEU A 137 0.58 -22.18 2.69
C LEU A 137 1.02 -20.71 2.69
N GLY A 138 2.25 -20.44 3.11
CA GLY A 138 2.75 -19.08 3.26
C GLY A 138 2.88 -18.31 1.98
N SER A 139 3.08 -18.99 0.85
CA SER A 139 3.26 -18.23 -0.40
C SER A 139 1.97 -17.71 -0.98
N ILE A 140 0.83 -18.32 -0.64
CA ILE A 140 -0.44 -17.93 -1.23
C ILE A 140 -1.48 -17.57 -0.18
N ALA A 141 -1.08 -17.49 1.09
CA ALA A 141 -2.05 -17.14 2.13
C ALA A 141 -2.69 -15.79 1.82
N ASN A 142 -4.00 -15.70 2.07
CA ASN A 142 -4.87 -14.59 1.70
C ASN A 142 -4.20 -13.22 1.58
N SER A 143 -3.79 -12.63 2.70
CA SER A 143 -3.29 -11.26 2.63
C SER A 143 -1.96 -11.19 1.87
N TYR A 144 -1.09 -12.19 2.02
CA TYR A 144 0.17 -12.19 1.28
C TYR A 144 -0.10 -12.23 -0.23
N TYR A 145 -1.03 -13.09 -0.65
CA TYR A 145 -1.45 -13.10 -2.04
C TYR A 145 -1.97 -11.74 -2.45
N ASN A 146 -2.85 -11.15 -1.62
CA ASN A 146 -3.49 -9.88 -1.96
C ASN A 146 -2.49 -8.85 -2.45
N ARG A 147 -1.35 -8.71 -1.76
CA ARG A 147 -0.37 -7.68 -2.08
C ARG A 147 0.80 -8.18 -2.90
N THR A 148 0.70 -9.37 -3.48
CA THR A 148 1.78 -9.89 -4.30
C THR A 148 1.28 -10.68 -5.50
N MET A 149 0.01 -10.57 -5.88
CA MET A 149 -0.47 -11.23 -7.07
C MET A 149 0.08 -10.55 -8.32
N SER A 150 -0.06 -11.23 -9.45
CA SER A 150 0.24 -10.58 -10.72
C SER A 150 -0.37 -9.19 -10.75
N GLY A 151 0.43 -8.21 -11.17
CA GLY A 151 -0.01 -6.83 -11.26
C GLY A 151 0.14 -6.01 -10.01
N TYR A 152 0.47 -6.63 -8.86
CA TYR A 152 0.72 -5.89 -7.62
C TYR A 152 2.15 -5.36 -7.65
N TYR A 153 2.37 -4.39 -8.52
CA TYR A 153 3.70 -3.91 -8.83
C TYR A 153 4.12 -2.94 -7.73
N ASP A 154 4.49 -3.51 -6.60
CA ASP A 154 4.76 -2.68 -5.45
C ASP A 154 5.92 -3.29 -4.72
N THR A 155 6.37 -2.55 -3.74
CA THR A 155 7.46 -2.91 -2.87
C THR A 155 7.12 -4.10 -1.96
N ASP A 156 5.87 -4.51 -1.86
CA ASP A 156 5.55 -5.66 -1.00
C ASP A 156 6.19 -6.95 -1.48
N MET A 157 6.60 -7.04 -2.74
CA MET A 157 7.03 -8.30 -3.30
C MET A 157 8.32 -8.83 -2.72
N LEU A 158 9.10 -8.00 -1.98
CA LEU A 158 10.29 -8.50 -1.29
C LEU A 158 10.28 -8.10 0.19
N VAL A 159 9.15 -7.66 0.72
CA VAL A 159 9.16 -7.00 2.02
C VAL A 159 9.12 -8.02 3.16
N LEU A 160 8.75 -9.27 2.87
CA LEU A 160 8.97 -10.36 3.81
C LEU A 160 10.10 -11.29 3.41
N VAL A 161 10.40 -11.41 2.10
CA VAL A 161 11.49 -12.26 1.64
C VAL A 161 12.79 -11.88 2.34
N LEU A 162 13.09 -10.58 2.36
CA LEU A 162 14.36 -10.14 2.96
C LEU A 162 14.41 -10.36 4.46
N PRO A 163 13.46 -9.89 5.28
CA PRO A 163 13.52 -10.20 6.72
C PRO A 163 13.56 -11.69 7.04
N MET A 164 12.88 -12.52 6.25
CA MET A 164 12.95 -13.96 6.46
C MET A 164 14.35 -14.49 6.17
N LEU A 165 15.03 -13.95 5.15
CA LEU A 165 16.42 -14.34 4.90
C LEU A 165 17.32 -13.91 6.06
N ILE A 166 17.09 -12.71 6.60
CA ILE A 166 17.81 -12.29 7.80
C ILE A 166 17.58 -13.27 8.94
N LEU A 167 16.33 -13.70 9.13
CA LEU A 167 16.03 -14.68 10.17
C LEU A 167 16.83 -15.96 9.95
N LEU A 168 16.77 -16.51 8.74
CA LEU A 168 17.56 -17.69 8.41
C LEU A 168 19.01 -17.50 8.80
N THR A 169 19.55 -16.33 8.46
CA THR A 169 20.92 -15.98 8.82
C THR A 169 21.17 -16.06 10.34
N PHE A 170 20.25 -15.50 11.14
CA PHE A 170 20.38 -15.60 12.59
C PHE A 170 20.34 -17.05 13.06
N ILE A 171 19.49 -17.88 12.43
CA ILE A 171 19.38 -19.29 12.81
C ILE A 171 20.70 -20.01 12.58
N ARG A 172 21.24 -19.88 11.36
CA ARG A 172 22.51 -20.53 11.04
C ARG A 172 23.60 -20.10 12.01
N LEU A 173 23.60 -18.83 12.42
CA LEU A 173 24.57 -18.45 13.44
C LEU A 173 24.33 -19.20 14.74
N THR A 174 23.07 -19.37 15.17
CA THR A 174 22.84 -20.01 16.46
C THR A 174 23.15 -21.51 16.43
N ILE A 175 23.01 -22.16 15.29
CA ILE A 175 23.15 -23.61 15.22
C ILE A 175 24.57 -24.04 14.82
N ASN A 176 25.15 -23.42 13.79
CA ASN A 176 26.46 -23.81 13.28
C ASN A 176 27.55 -22.79 13.54
N LYS A 177 27.21 -21.66 14.19
CA LYS A 177 28.14 -20.53 14.35
C LYS A 177 28.72 -20.09 13.01
N ASP A 178 27.94 -20.28 11.95
CA ASP A 178 28.34 -20.00 10.57
C ASP A 178 29.00 -18.63 10.42
N ILE A 179 30.26 -18.63 10.01
CA ILE A 179 31.01 -17.37 9.88
C ILE A 179 30.46 -16.52 8.74
N PHE A 180 29.78 -17.14 7.75
CA PHE A 180 29.23 -16.37 6.63
C PHE A 180 28.08 -15.46 7.06
N THR A 181 27.44 -15.74 8.19
CA THR A 181 26.50 -14.79 8.77
C THR A 181 27.16 -13.43 8.96
N LEU A 182 28.40 -13.42 9.47
CA LEU A 182 29.11 -12.16 9.67
C LEU A 182 29.11 -11.30 8.41
N LEU A 183 29.00 -11.92 7.23
CA LEU A 183 28.91 -11.17 5.99
C LEU A 183 27.47 -10.93 5.56
N LEU A 184 26.61 -11.94 5.67
CA LEU A 184 25.31 -11.91 5.01
C LEU A 184 24.27 -11.11 5.79
N SER A 185 24.21 -11.33 7.09
CA SER A 185 23.38 -10.59 8.03
C SER A 185 23.45 -9.08 7.77
N PRO A 186 24.65 -8.46 7.77
CA PRO A 186 24.71 -7.03 7.46
C PRO A 186 24.29 -6.72 6.04
N VAL A 187 24.85 -7.45 5.07
CA VAL A 187 24.54 -7.20 3.67
C VAL A 187 23.03 -7.21 3.43
N PHE A 188 22.35 -8.23 3.98
CA PHE A 188 20.90 -8.31 3.77
C PHE A 188 20.20 -7.10 4.35
N ILE A 189 20.59 -6.68 5.55
CA ILE A 189 20.02 -5.46 6.11
C ILE A 189 20.19 -4.30 5.14
N MET A 190 21.39 -4.15 4.57
CA MET A 190 21.58 -3.08 3.60
C MET A 190 20.61 -3.23 2.44
N ILE A 191 20.57 -4.44 1.87
CA ILE A 191 19.65 -4.66 0.75
C ILE A 191 18.23 -4.33 1.18
N TYR A 192 17.85 -4.74 2.40
CA TYR A 192 16.50 -4.47 2.86
C TYR A 192 16.25 -2.97 2.94
N LEU A 193 17.21 -2.25 3.53
CA LEU A 193 17.07 -0.81 3.69
C LEU A 193 17.04 -0.14 2.32
N TRP A 194 17.78 -0.69 1.36
CA TRP A 194 17.79 -0.07 0.04
C TRP A 194 16.48 -0.34 -0.65
N TRP A 195 15.88 -1.49 -0.36
CA TRP A 195 14.71 -1.81 -1.15
C TRP A 195 13.47 -1.14 -0.58
N TYR A 196 13.44 -0.89 0.74
CA TYR A 196 12.26 -0.40 1.44
C TYR A 196 12.70 0.33 2.70
N PRO A 197 12.93 1.64 2.60
CA PRO A 197 13.47 2.38 3.75
C PRO A 197 12.65 2.28 5.02
N SER A 198 11.33 2.13 4.93
CA SER A 198 10.50 1.93 6.11
C SER A 198 10.93 0.69 6.91
N SER A 199 11.60 -0.25 6.23
CA SER A 199 12.11 -1.44 6.92
C SER A 199 12.95 -1.07 8.14
N TYR A 200 13.43 0.18 8.21
CA TYR A 200 14.21 0.64 9.35
C TYR A 200 13.63 0.08 10.64
N SER A 201 12.33 0.25 10.86
CA SER A 201 11.79 -0.12 12.17
C SER A 201 12.00 -1.61 12.47
N LEU A 202 11.58 -2.48 11.53
CA LEU A 202 11.78 -3.92 11.73
C LEU A 202 13.25 -4.22 11.99
N ASN A 203 14.14 -3.68 11.16
CA ASN A 203 15.55 -3.93 11.38
C ASN A 203 15.95 -3.56 12.80
N PHE A 204 15.55 -2.36 13.25
CA PHE A 204 15.91 -1.88 14.57
C PHE A 204 15.43 -2.87 15.63
N ALA A 205 14.19 -3.35 15.47
CA ALA A 205 13.67 -4.32 16.43
C ALA A 205 14.45 -5.61 16.36
N MET A 206 14.67 -6.13 15.14
CA MET A 206 15.30 -7.44 15.02
C MET A 206 16.71 -7.40 15.58
N ILE A 207 17.52 -6.44 15.10
CA ILE A 207 18.86 -6.25 15.68
C ILE A 207 18.78 -6.13 17.19
N GLY A 208 17.84 -5.29 17.67
CA GLY A 208 17.69 -5.12 19.10
C GLY A 208 17.47 -6.44 19.83
N LEU A 209 16.53 -7.24 19.32
CA LEU A 209 16.29 -8.52 19.96
C LEU A 209 17.50 -9.42 19.83
N PHE A 210 18.15 -9.40 18.66
CA PHE A 210 19.35 -10.20 18.50
C PHE A 210 20.36 -9.83 19.58
N GLY A 211 20.38 -8.57 20.01
CA GLY A 211 21.26 -8.17 21.09
C GLY A 211 20.88 -8.80 22.40
N LEU A 212 19.61 -8.64 22.79
CA LEU A 212 19.17 -9.19 24.05
C LEU A 212 19.33 -10.70 24.06
N TYR A 213 18.92 -11.35 22.97
CA TYR A 213 19.16 -12.78 22.80
C TYR A 213 20.63 -13.12 23.06
N THR A 214 21.56 -12.31 22.51
CA THR A 214 22.97 -12.61 22.69
C THR A 214 23.39 -12.44 24.15
N LEU A 215 22.83 -11.42 24.83
CA LEU A 215 23.16 -11.26 26.24
C LEU A 215 22.71 -12.45 27.07
N VAL A 216 21.83 -13.31 26.54
CA VAL A 216 21.27 -14.40 27.33
C VAL A 216 21.93 -15.72 26.95
N PHE A 217 21.77 -16.14 25.70
CA PHE A 217 22.15 -17.49 25.31
C PHE A 217 23.57 -17.61 24.79
N HIS A 218 24.17 -16.51 24.36
CA HIS A 218 25.53 -16.52 23.83
C HIS A 218 26.33 -15.37 24.43
N ARG A 219 26.29 -15.25 25.76
CA ARG A 219 26.85 -14.07 26.41
C ARG A 219 28.36 -13.97 26.24
N LYS A 220 28.98 -14.99 25.65
CA LYS A 220 30.44 -15.06 25.61
C LYS A 220 30.99 -15.25 24.21
N GLU A 221 30.18 -15.56 23.21
CA GLU A 221 30.69 -15.82 21.86
C GLU A 221 30.91 -14.50 21.13
N LYS A 222 32.18 -14.22 20.79
CA LYS A 222 32.55 -12.94 20.19
C LYS A 222 31.79 -12.69 18.88
N ILE A 223 31.65 -13.73 18.04
CA ILE A 223 31.05 -13.59 16.72
C ILE A 223 29.69 -12.91 16.81
N PHE A 224 28.96 -13.12 17.90
CA PHE A 224 27.63 -12.51 18.04
C PHE A 224 27.74 -11.00 18.28
N TYR A 225 28.66 -10.58 19.14
CA TYR A 225 28.88 -9.16 19.38
C TYR A 225 29.40 -8.47 18.12
N LEU A 226 30.34 -9.10 17.42
CA LEU A 226 30.89 -8.52 16.20
C LEU A 226 29.79 -8.32 15.14
N THR A 227 29.01 -9.38 14.88
CA THR A 227 27.95 -9.25 13.90
C THR A 227 26.89 -8.24 14.36
N ILE A 228 26.71 -8.07 15.67
CA ILE A 228 25.79 -7.03 16.17
C ILE A 228 26.32 -5.64 15.80
N ALA A 229 27.60 -5.39 16.04
CA ALA A 229 28.18 -4.09 15.68
C ALA A 229 28.05 -3.85 14.18
N LEU A 230 28.43 -4.85 13.37
CA LEU A 230 28.33 -4.73 11.93
C LEU A 230 26.90 -4.42 11.49
N MET A 231 25.93 -5.12 12.05
CA MET A 231 24.53 -4.87 11.71
C MET A 231 24.11 -3.47 12.12
N ILE A 232 24.61 -2.98 13.26
CA ILE A 232 24.25 -1.63 13.67
C ILE A 232 24.80 -0.62 12.67
N ILE A 233 26.02 -0.84 12.19
CA ILE A 233 26.56 -0.03 11.10
C ILE A 233 25.65 -0.10 9.88
N ALA A 234 25.27 -1.32 9.49
CA ALA A 234 24.42 -1.48 8.30
C ALA A 234 23.09 -0.76 8.44
N LEU A 235 22.62 -0.55 9.67
CA LEU A 235 21.38 0.20 9.88
C LEU A 235 21.58 1.71 9.71
N SER A 236 22.80 2.20 9.80
CA SER A 236 23.10 3.62 9.87
C SER A 236 22.96 4.30 8.51
N MET A 237 23.21 5.61 8.50
CA MET A 237 23.21 6.42 7.29
C MET A 237 24.59 6.58 6.66
N LEU A 238 25.58 5.78 7.04
CA LEU A 238 26.87 5.84 6.36
C LEU A 238 26.69 5.57 4.87
N ALA A 239 27.51 6.23 4.05
CA ALA A 239 27.58 5.90 2.64
C ALA A 239 27.90 4.42 2.47
N TRP A 240 27.49 3.85 1.35
CA TRP A 240 27.60 2.41 1.18
C TRP A 240 29.05 1.94 1.19
N GLN A 241 29.96 2.76 0.67
CA GLN A 241 31.37 2.37 0.61
C GLN A 241 31.99 2.28 2.01
N TYR A 242 31.58 3.16 2.93
CA TYR A 242 31.99 3.04 4.32
C TYR A 242 31.42 1.78 4.97
N LYS A 243 30.13 1.53 4.80
CA LYS A 243 29.50 0.32 5.33
C LYS A 243 30.20 -0.94 4.82
N LEU A 244 30.27 -1.11 3.50
CA LEU A 244 30.88 -2.29 2.92
C LEU A 244 32.35 -2.41 3.32
N ALA A 245 33.04 -1.28 3.44
CA ALA A 245 34.43 -1.31 3.89
C ALA A 245 34.54 -1.90 5.29
N LEU A 246 33.76 -1.37 6.24
CA LEU A 246 33.78 -1.92 7.60
C LEU A 246 33.40 -3.41 7.61
N ILE A 247 32.33 -3.75 6.88
CA ILE A 247 31.81 -5.12 6.95
C ILE A 247 32.83 -6.11 6.39
N VAL A 248 33.37 -5.82 5.21
CA VAL A 248 34.32 -6.75 4.61
C VAL A 248 35.62 -6.78 5.41
N LEU A 249 36.06 -5.62 5.90
CA LEU A 249 37.31 -5.52 6.67
C LEU A 249 37.24 -6.38 7.94
N LEU A 250 36.31 -6.04 8.83
CA LEU A 250 36.14 -6.82 10.05
C LEU A 250 35.83 -8.29 9.75
N PHE A 251 35.17 -8.57 8.62
CA PHE A 251 34.87 -9.96 8.30
C PHE A 251 36.14 -10.75 8.01
N ALA A 252 37.01 -10.20 7.16
CA ALA A 252 38.27 -10.89 6.88
C ALA A 252 39.09 -11.03 8.15
N ILE A 253 39.14 -9.96 8.96
CA ILE A 253 39.96 -9.98 10.18
C ILE A 253 39.48 -11.08 11.13
N PHE A 254 38.17 -11.31 11.20
CA PHE A 254 37.68 -12.40 12.07
C PHE A 254 37.83 -13.77 11.40
N ALA A 255 37.64 -13.84 10.08
CA ALA A 255 37.62 -15.13 9.41
C ALA A 255 39.00 -15.77 9.37
N PHE A 256 40.04 -14.96 9.11
CA PHE A 256 41.37 -15.52 8.90
C PHE A 256 42.33 -15.23 10.04
N LYS A 257 41.90 -14.54 11.09
CA LYS A 257 42.72 -14.34 12.27
C LYS A 257 42.13 -15.15 13.43
N GLU A 258 43.01 -15.88 14.13
CA GLU A 258 42.66 -16.66 15.32
C GLU A 258 42.99 -15.94 16.63
N GLU A 259 44.09 -15.17 16.69
CA GLU A 259 44.25 -14.20 17.78
C GLU A 259 43.10 -13.20 17.81
N LYS A 260 42.48 -12.95 16.66
CA LYS A 260 41.19 -12.29 16.57
C LYS A 260 41.18 -10.90 17.20
N ILE A 261 39.97 -10.43 17.56
CA ILE A 261 39.72 -9.10 18.06
C ILE A 261 39.41 -9.19 19.55
N ASN A 262 40.13 -8.42 20.36
CA ASN A 262 39.90 -8.46 21.80
C ASN A 262 38.51 -7.94 22.14
N PHE A 263 37.99 -8.37 23.30
CA PHE A 263 36.62 -8.06 23.67
C PHE A 263 36.42 -6.56 23.95
N TYR A 264 37.40 -5.92 24.61
CA TYR A 264 37.29 -4.48 24.80
C TYR A 264 37.16 -3.76 23.47
N MET A 265 37.98 -4.14 22.48
CA MET A 265 37.88 -3.50 21.17
C MET A 265 36.48 -3.64 20.60
N ILE A 266 35.82 -4.80 20.78
CA ILE A 266 34.52 -5.00 20.14
C ILE A 266 33.42 -4.25 20.90
N TRP A 267 33.52 -4.15 22.23
CA TRP A 267 32.58 -3.26 22.94
C TRP A 267 32.78 -1.82 22.51
N ALA A 268 34.03 -1.43 22.25
CA ALA A 268 34.28 -0.13 21.65
C ALA A 268 33.57 0.00 20.31
N LEU A 269 33.62 -1.06 19.50
CA LEU A 269 32.92 -1.06 18.21
C LEU A 269 31.42 -0.90 18.39
N ILE A 270 30.85 -1.53 19.43
CA ILE A 270 29.44 -1.34 19.70
C ILE A 270 29.15 0.10 20.09
N PHE A 271 30.04 0.73 20.87
CA PHE A 271 29.80 2.11 21.27
C PHE A 271 29.87 3.07 20.07
N ILE A 272 30.98 3.05 19.33
CA ILE A 272 31.08 3.80 18.08
C ILE A 272 29.85 3.57 17.21
N SER A 273 29.42 2.31 17.14
CA SER A 273 28.27 1.95 16.31
C SER A 273 27.00 2.66 16.76
N ILE A 274 26.67 2.52 18.05
CA ILE A 274 25.46 3.15 18.61
C ILE A 274 25.53 4.67 18.50
N LEU A 275 26.73 5.23 18.59
CA LEU A 275 26.88 6.67 18.35
C LEU A 275 26.55 7.02 16.90
N ILE A 276 27.03 6.22 15.95
CA ILE A 276 26.81 6.50 14.53
C ILE A 276 25.34 6.41 14.20
N LEU A 277 24.71 5.28 14.58
CA LEU A 277 23.28 5.13 14.38
C LEU A 277 22.51 6.28 15.03
N HIS A 278 22.99 6.74 16.18
CA HIS A 278 22.35 7.87 16.85
C HIS A 278 22.39 9.13 15.98
N LEU A 279 23.59 9.51 15.50
CA LEU A 279 23.69 10.65 14.59
C LEU A 279 22.78 10.49 13.39
N SER A 280 22.66 9.26 12.88
CA SER A 280 21.76 8.86 11.79
C SER A 280 20.28 9.01 12.15
N GLY A 281 19.95 9.53 13.33
CA GLY A 281 18.58 9.75 13.70
C GLY A 281 17.98 8.69 14.60
N GLY A 282 18.64 7.54 14.74
CA GLY A 282 18.20 6.36 15.46
C GLY A 282 17.01 6.46 16.38
N LEU A 283 15.99 5.63 16.12
CA LEU A 283 14.79 5.51 16.95
C LEU A 283 13.75 6.59 16.61
N ASP A 284 14.19 7.77 16.19
CA ASP A 284 13.23 8.76 15.68
C ASP A 284 12.32 8.19 14.59
N PRO A 285 12.83 7.54 13.52
CA PRO A 285 11.89 6.97 12.52
C PRO A 285 10.91 5.98 13.13
N VAL A 286 11.32 5.27 14.18
CA VAL A 286 10.43 4.30 14.82
C VAL A 286 9.29 5.01 15.54
N LEU A 287 9.62 6.03 16.35
CA LEU A 287 8.59 6.79 17.05
C LEU A 287 7.68 7.53 16.08
N TYR A 288 8.22 7.99 14.95
CA TYR A 288 7.35 8.60 13.96
C TYR A 288 6.33 7.60 13.42
N GLN A 289 6.81 6.40 13.05
CA GLN A 289 5.90 5.39 12.51
C GLN A 289 4.84 5.00 13.53
N LEU A 290 5.23 4.84 14.80
CA LEU A 290 4.24 4.60 15.85
C LEU A 290 3.24 5.75 15.93
N LYS A 291 3.73 7.00 15.88
CA LYS A 291 2.87 8.17 15.95
C LYS A 291 1.80 8.14 14.86
N PHE A 292 2.16 7.74 13.64
CA PHE A 292 1.14 7.73 12.59
C PHE A 292 0.23 6.51 12.68
N TYR A 293 0.78 5.33 12.97
CA TYR A 293 -0.02 4.12 12.87
C TYR A 293 -0.58 3.63 14.19
N VAL A 294 0.18 3.66 15.27
CA VAL A 294 -0.32 3.11 16.52
C VAL A 294 -1.14 4.13 17.30
N PHE A 295 -0.67 5.37 17.38
CA PHE A 295 -1.40 6.42 18.11
C PHE A 295 -2.24 7.31 17.19
N LYS A 296 -2.16 7.13 15.86
CA LYS A 296 -3.04 7.80 14.90
C LYS A 296 -3.18 9.31 15.15
N ALA A 297 -2.08 9.98 15.49
CA ALA A 297 -2.12 11.42 15.70
C ALA A 297 -2.30 12.18 14.37
N SER A 298 -2.91 13.37 14.46
CA SER A 298 -3.09 14.23 13.29
C SER A 298 -1.83 15.02 12.97
N ASP A 299 -1.44 15.95 13.84
CA ASP A 299 -0.16 16.61 13.64
C ASP A 299 0.95 15.58 13.89
N VAL A 300 1.40 14.89 12.83
CA VAL A 300 2.47 13.91 12.98
C VAL A 300 3.85 14.51 12.74
N GLN A 301 3.93 15.65 12.04
CA GLN A 301 5.20 16.31 11.80
C GLN A 301 5.58 17.27 12.92
N ASN A 302 4.66 17.53 13.88
CA ASN A 302 4.97 18.22 15.14
C ASN A 302 5.20 19.73 14.91
N LEU A 303 4.29 20.35 14.15
CA LEU A 303 4.35 21.79 13.79
C LEU A 303 3.13 22.47 14.42
N LYS A 304 3.26 22.81 15.70
CA LYS A 304 2.18 23.48 16.39
C LYS A 304 2.27 24.98 16.09
N ASP A 305 1.33 25.48 15.28
CA ASP A 305 1.14 26.87 14.86
C ASP A 305 2.03 27.25 13.68
N ALA A 306 2.99 26.40 13.26
CA ALA A 306 3.63 26.56 11.96
C ALA A 306 2.73 26.05 10.83
N ALA A 307 1.74 25.22 11.16
CA ALA A 307 0.73 24.72 10.24
C ALA A 307 -0.64 25.10 10.75
N PHE A 308 -1.65 24.87 9.90
CA PHE A 308 -3.04 24.92 10.30
C PHE A 308 -3.44 23.53 10.75
N MET A 309 -4.72 23.32 11.06
CA MET A 309 -5.22 22.02 11.51
C MET A 309 -6.03 21.37 10.40
N TYR A 310 -5.75 20.09 10.13
CA TYR A 310 -6.32 19.41 8.97
C TYR A 310 -6.96 18.07 9.35
N PHE A 311 -7.97 17.69 8.56
CA PHE A 311 -8.57 16.37 8.64
C PHE A 311 -7.49 15.30 8.53
N ASN A 312 -7.69 14.17 9.22
CA ASN A 312 -6.68 13.12 9.29
C ASN A 312 -6.93 12.07 8.22
N VAL A 313 -5.96 11.90 7.31
CA VAL A 313 -6.06 10.93 6.23
C VAL A 313 -6.03 9.47 6.70
N ASN A 314 -5.54 9.19 7.91
CA ASN A 314 -5.35 7.82 8.37
C ASN A 314 -6.63 6.99 8.24
N GLU A 315 -7.76 7.55 8.70
CA GLU A 315 -9.09 6.92 8.68
C GLU A 315 -9.73 6.93 7.29
N THR A 316 -8.94 7.14 6.24
CA THR A 316 -9.40 7.38 4.90
C THR A 316 -8.76 6.42 3.91
N ILE A 317 -7.64 5.79 4.30
CA ILE A 317 -6.86 4.90 3.45
C ILE A 317 -7.33 3.47 3.63
N MET A 318 -7.56 2.76 2.53
CA MET A 318 -8.12 1.41 2.62
C MET A 318 -7.18 0.47 3.36
N GLU A 319 -5.92 0.36 2.89
CA GLU A 319 -4.83 -0.36 3.57
C GLU A 319 -4.80 -0.24 5.09
N VAL A 320 -5.16 0.92 5.63
CA VAL A 320 -5.02 1.19 7.06
C VAL A 320 -6.35 1.00 7.77
N ASN A 321 -7.36 0.49 7.07
CA ASN A 321 -8.66 0.30 7.69
C ASN A 321 -8.62 -0.85 8.69
N THR A 322 -9.46 -0.76 9.72
CA THR A 322 -9.40 -1.80 10.73
C THR A 322 -10.11 -3.07 10.25
N ILE A 323 -10.05 -4.09 11.08
CA ILE A 323 -10.34 -5.46 10.68
C ILE A 323 -10.76 -6.23 11.93
N ASP A 324 -11.72 -7.13 11.79
CA ASP A 324 -12.23 -7.89 12.94
C ASP A 324 -11.44 -9.19 13.09
N PRO A 325 -11.56 -9.86 14.25
CA PRO A 325 -10.68 -11.02 14.52
C PRO A 325 -10.76 -12.12 13.47
N GLU A 326 -11.97 -12.50 13.05
CA GLU A 326 -12.10 -13.48 11.97
C GLU A 326 -11.31 -13.06 10.73
N VAL A 327 -11.51 -11.83 10.25
CA VAL A 327 -10.81 -11.43 9.03
C VAL A 327 -9.32 -11.35 9.27
N PHE A 328 -8.89 -10.92 10.46
CA PHE A 328 -7.48 -10.95 10.82
C PHE A 328 -6.90 -12.35 10.63
N MET A 329 -7.58 -13.34 11.20
CA MET A 329 -7.10 -14.71 11.15
C MET A 329 -7.06 -15.22 9.72
N GLN A 330 -8.09 -14.93 8.91
CA GLN A 330 -8.10 -15.38 7.52
C GLN A 330 -7.04 -14.66 6.69
N ARG A 331 -6.81 -13.38 6.99
CA ARG A 331 -5.74 -12.65 6.33
C ARG A 331 -4.40 -13.34 6.56
N ILE A 332 -4.20 -13.87 7.77
CA ILE A 332 -2.90 -14.46 8.08
C ILE A 332 -2.78 -15.90 7.62
N SER A 333 -3.85 -16.70 7.75
CA SER A 333 -3.80 -18.14 7.52
C SER A 333 -4.92 -18.69 6.63
N SER A 334 -5.69 -17.81 5.97
CA SER A 334 -6.79 -18.19 5.08
C SER A 334 -7.97 -18.89 5.77
N SER A 335 -7.91 -19.07 7.10
CA SER A 335 -8.96 -19.80 7.82
C SER A 335 -8.74 -19.67 9.32
N VAL A 336 -9.83 -19.69 10.08
CA VAL A 336 -9.71 -19.63 11.54
C VAL A 336 -9.02 -20.89 12.07
N LEU A 337 -9.46 -22.07 11.64
CA LEU A 337 -8.85 -23.33 12.10
C LEU A 337 -7.35 -23.33 11.87
N VAL A 338 -6.93 -23.09 10.61
CA VAL A 338 -5.49 -23.16 10.34
C VAL A 338 -4.75 -22.11 11.16
N PHE A 339 -5.39 -20.98 11.44
CA PHE A 339 -4.74 -19.96 12.27
C PHE A 339 -4.51 -20.48 13.69
N ILE A 340 -5.55 -21.04 14.32
CA ILE A 340 -5.39 -21.60 15.65
C ILE A 340 -4.26 -22.64 15.67
N LEU A 341 -4.32 -23.60 14.74
CA LEU A 341 -3.29 -24.64 14.69
C LEU A 341 -1.90 -24.03 14.42
N SER A 342 -1.85 -22.97 13.64
CA SER A 342 -0.59 -22.29 13.36
C SER A 342 -0.03 -21.65 14.63
N PHE A 343 -0.91 -21.11 15.47
CA PHE A 343 -0.46 -20.44 16.68
C PHE A 343 0.05 -21.45 17.70
N ILE A 344 -0.72 -22.52 17.91
CA ILE A 344 -0.24 -23.64 18.74
C ILE A 344 1.11 -24.12 18.23
N GLY A 345 1.18 -24.39 16.93
CA GLY A 345 2.42 -24.84 16.34
C GLY A 345 3.56 -23.89 16.62
N PHE A 346 3.30 -22.58 16.54
CA PHE A 346 4.37 -21.61 16.77
C PHE A 346 4.84 -21.65 18.23
N ILE A 347 3.91 -21.76 19.18
CA ILE A 347 4.30 -21.92 20.58
C ILE A 347 5.20 -23.13 20.75
N LEU A 348 4.77 -24.29 20.24
CA LEU A 348 5.56 -25.51 20.34
C LEU A 348 6.93 -25.34 19.70
N LEU A 349 6.98 -24.70 18.53
CA LEU A 349 8.27 -24.44 17.88
C LEU A 349 9.17 -23.59 18.78
N LEU A 350 8.59 -22.59 19.43
CA LEU A 350 9.34 -21.73 20.32
C LEU A 350 9.92 -22.52 21.48
N LYS A 351 9.08 -23.29 22.16
CA LYS A 351 9.54 -24.03 23.33
C LYS A 351 10.23 -25.33 22.93
N ASP A 352 10.81 -25.38 21.73
CA ASP A 352 11.67 -26.49 21.30
C ASP A 352 12.90 -25.93 20.63
N HIS A 353 12.74 -24.80 19.93
CA HIS A 353 13.84 -24.15 19.23
C HIS A 353 13.84 -22.67 19.63
N LYS A 354 14.59 -22.35 20.70
CA LYS A 354 14.69 -21.00 21.23
C LYS A 354 15.05 -19.96 20.17
N SER A 355 15.77 -20.36 19.13
CA SER A 355 16.23 -19.40 18.13
C SER A 355 15.07 -18.73 17.40
N MET A 356 13.96 -19.46 17.23
CA MET A 356 12.75 -18.92 16.62
C MET A 356 12.17 -17.75 17.41
N LEU A 357 12.65 -17.53 18.64
CA LEU A 357 12.34 -16.31 19.38
C LEU A 357 12.66 -15.06 18.57
N LEU A 358 13.75 -15.10 17.80
CA LEU A 358 14.13 -13.97 16.97
C LEU A 358 13.12 -13.67 15.87
N ALA A 359 12.13 -14.54 15.66
CA ALA A 359 11.04 -14.27 14.73
C ALA A 359 9.95 -13.41 15.33
N LEU A 360 10.01 -13.12 16.64
CA LEU A 360 8.91 -12.43 17.31
C LEU A 360 8.61 -11.03 16.77
N PRO A 361 9.59 -10.21 16.36
CA PRO A 361 9.23 -8.92 15.75
C PRO A 361 8.28 -9.04 14.57
N MET A 362 8.59 -9.86 13.55
CA MET A 362 7.66 -10.01 12.42
C MET A 362 6.28 -10.42 12.92
N LEU A 363 6.22 -11.45 13.76
CA LEU A 363 4.96 -11.87 14.35
C LEU A 363 4.26 -10.68 15.00
N ALA A 364 4.99 -9.96 15.87
CA ALA A 364 4.38 -8.82 16.55
C ALA A 364 3.85 -7.82 15.52
N LEU A 365 4.65 -7.51 14.48
CA LEU A 365 4.19 -6.57 13.46
C LEU A 365 2.87 -6.99 12.88
N GLY A 366 2.74 -8.27 12.54
CA GLY A 366 1.49 -8.75 11.98
C GLY A 366 0.33 -8.55 12.94
N PHE A 367 0.53 -8.89 14.21
CA PHE A 367 -0.58 -8.74 15.15
C PHE A 367 -0.91 -7.28 15.32
N MET A 368 0.07 -6.40 15.13
CA MET A 368 -0.18 -4.97 15.27
C MET A 368 -1.24 -4.47 14.28
N ALA A 369 -1.54 -5.25 13.23
CA ALA A 369 -2.64 -4.89 12.34
C ALA A 369 -3.91 -4.62 13.12
N LEU A 370 -4.16 -5.40 14.19
CA LEU A 370 -5.36 -5.24 14.99
C LEU A 370 -5.52 -3.80 15.48
N ARG A 371 -4.41 -3.10 15.73
CA ARG A 371 -4.50 -1.69 16.06
C ARG A 371 -4.24 -0.78 14.86
N ALA A 372 -3.40 -1.22 13.92
CA ALA A 372 -2.83 -0.32 12.94
C ALA A 372 -3.33 -0.52 11.51
N GLY A 373 -4.13 -1.55 11.24
CA GLY A 373 -4.77 -1.65 9.93
C GLY A 373 -4.42 -2.92 9.17
N LEU A 374 -5.23 -3.31 8.17
CA LEU A 374 -5.09 -4.65 7.63
C LEU A 374 -3.72 -4.86 6.99
N ARG A 375 -3.25 -3.88 6.24
CA ARG A 375 -1.89 -3.75 5.73
C ARG A 375 -0.86 -4.66 6.42
N PHE A 376 -0.85 -4.68 7.76
CA PHE A 376 0.28 -5.22 8.50
C PHE A 376 0.24 -6.73 8.69
N THR A 377 -0.92 -7.38 8.49
CA THR A 377 -0.99 -8.82 8.71
C THR A 377 0.08 -9.58 7.93
N ILE A 378 0.41 -9.11 6.73
CA ILE A 378 1.51 -9.57 5.89
C ILE A 378 2.70 -10.06 6.74
N TYR A 379 3.13 -9.27 7.72
CA TYR A 379 4.37 -9.62 8.42
C TYR A 379 4.27 -10.89 9.27
N ALA A 380 3.07 -11.37 9.56
CA ALA A 380 2.89 -12.58 10.35
C ALA A 380 2.67 -13.82 9.50
N VAL A 381 2.54 -13.68 8.18
CA VAL A 381 2.15 -14.81 7.33
C VAL A 381 3.20 -15.91 7.32
N PRO A 382 4.48 -15.67 6.98
CA PRO A 382 5.40 -16.80 6.87
C PRO A 382 5.82 -17.40 8.20
N VAL A 383 6.09 -16.57 9.21
CA VAL A 383 6.31 -17.08 10.56
C VAL A 383 5.20 -18.05 10.94
N MET A 384 3.94 -17.60 10.84
CA MET A 384 2.82 -18.45 11.20
C MET A 384 2.77 -19.69 10.33
N ALA A 385 3.15 -19.56 9.07
CA ALA A 385 3.18 -20.72 8.20
C ALA A 385 4.13 -21.77 8.77
N LEU A 386 5.32 -21.33 9.18
CA LEU A 386 6.25 -22.21 9.86
C LEU A 386 5.59 -22.84 11.08
N GLY A 387 4.92 -22.02 11.90
CA GLY A 387 4.18 -22.58 13.02
C GLY A 387 3.30 -23.73 12.60
N PHE A 388 2.55 -23.56 11.50
CA PHE A 388 1.70 -24.64 11.01
C PHE A 388 2.54 -25.87 10.65
N GLY A 389 3.63 -25.66 9.92
CA GLY A 389 4.57 -26.75 9.69
C GLY A 389 4.92 -27.46 10.98
N TYR A 390 5.31 -26.71 12.00
CA TYR A 390 5.71 -27.37 13.22
C TYR A 390 4.54 -28.15 13.81
N PHE A 391 3.33 -27.57 13.78
CA PHE A 391 2.19 -28.30 14.32
C PHE A 391 2.10 -29.67 13.70
N LEU A 392 2.26 -29.75 12.38
CA LEU A 392 2.13 -31.04 11.71
C LEU A 392 3.24 -31.97 12.18
N TYR A 393 4.49 -31.49 12.19
CA TYR A 393 5.57 -32.30 12.73
C TYR A 393 5.22 -32.75 14.14
N ALA A 394 4.71 -31.84 14.96
CA ALA A 394 4.36 -32.23 16.32
C ALA A 394 3.35 -33.38 16.28
N PHE A 395 2.30 -33.22 15.48
CA PHE A 395 1.19 -34.16 15.49
C PHE A 395 1.65 -35.57 15.15
N PHE A 396 2.34 -35.73 14.01
CA PHE A 396 2.82 -37.06 13.64
C PHE A 396 3.89 -37.56 14.59
N ASN A 397 4.70 -36.65 15.14
CA ASN A 397 5.59 -37.05 16.21
C ASN A 397 4.79 -37.66 17.34
N PHE A 398 3.72 -36.98 17.76
CA PHE A 398 2.79 -37.56 18.73
C PHE A 398 2.39 -38.98 18.31
N LEU A 399 1.97 -39.13 17.05
CA LEU A 399 1.41 -40.40 16.62
C LEU A 399 2.41 -41.53 16.65
N GLU A 400 3.71 -41.23 16.77
CA GLU A 400 4.69 -42.30 16.98
C GLU A 400 5.06 -42.47 18.44
N LYS A 401 5.14 -41.37 19.18
CA LYS A 401 5.34 -41.40 20.62
C LYS A 401 4.14 -41.94 21.36
N LYS A 402 3.05 -42.27 20.64
CA LYS A 402 1.94 -43.05 21.18
C LYS A 402 1.71 -44.31 20.35
N GLN A 403 2.72 -44.72 19.57
CA GLN A 403 2.79 -46.06 18.96
C GLN A 403 1.62 -46.37 18.04
N ILE A 404 1.08 -45.34 17.37
CA ILE A 404 0.00 -45.55 16.42
C ILE A 404 0.55 -46.24 15.18
N LYS A 405 -0.06 -47.37 14.80
CA LYS A 405 0.30 -48.13 13.61
C LYS A 405 -0.05 -47.33 12.35
N LEU A 406 0.95 -46.67 11.76
CA LEU A 406 0.77 -45.96 10.50
C LEU A 406 1.90 -46.32 9.56
N SER A 407 1.55 -46.87 8.40
CA SER A 407 2.52 -47.15 7.34
C SER A 407 3.23 -45.86 6.93
N LEU A 408 4.32 -46.01 6.19
CA LEU A 408 4.89 -44.85 5.51
C LEU A 408 3.94 -44.35 4.42
N ARG A 409 3.43 -45.27 3.60
CA ARG A 409 2.47 -44.88 2.58
C ARG A 409 1.29 -44.13 3.19
N ASN A 410 0.79 -44.60 4.33
CA ASN A 410 -0.43 -44.01 4.90
C ASN A 410 -0.13 -42.72 5.65
N LYS A 411 1.00 -42.64 6.35
CA LYS A 411 1.42 -41.36 6.91
C LYS A 411 1.57 -40.32 5.81
N ASN A 412 2.08 -40.73 4.65
CA ASN A 412 2.29 -39.79 3.55
C ASN A 412 0.97 -39.39 2.89
N ILE A 413 0.09 -40.35 2.64
CA ILE A 413 -1.22 -39.98 2.12
C ILE A 413 -1.91 -39.02 3.09
N LEU A 414 -1.80 -39.30 4.39
CA LEU A 414 -2.40 -38.42 5.39
C LEU A 414 -1.82 -37.01 5.32
N LEU A 415 -0.50 -36.90 5.16
CA LEU A 415 0.15 -35.59 5.06
C LEU A 415 -0.32 -34.84 3.82
N ILE A 416 -0.28 -35.50 2.65
CA ILE A 416 -0.70 -34.86 1.41
C ILE A 416 -2.13 -34.36 1.52
N LEU A 417 -3.02 -35.19 2.10
CA LEU A 417 -4.41 -34.81 2.26
C LEU A 417 -4.56 -33.63 3.20
N ILE A 418 -3.84 -33.66 4.34
CA ILE A 418 -3.92 -32.56 5.30
C ILE A 418 -3.47 -31.25 4.64
N ALA A 419 -2.29 -31.26 4.00
CA ALA A 419 -1.78 -30.07 3.33
C ALA A 419 -2.74 -29.57 2.25
N PHE A 420 -3.32 -30.48 1.48
CA PHE A 420 -4.25 -30.04 0.45
C PHE A 420 -5.49 -29.40 1.07
N PHE A 421 -6.03 -30.04 2.10
CA PHE A 421 -7.26 -29.56 2.72
C PHE A 421 -7.05 -28.20 3.39
N SER A 422 -5.89 -27.99 4.03
CA SER A 422 -5.62 -26.72 4.69
C SER A 422 -5.13 -25.65 3.74
N ILE A 423 -4.58 -26.02 2.59
CA ILE A 423 -4.24 -25.05 1.56
C ILE A 423 -5.46 -24.67 0.71
N SER A 424 -6.55 -25.45 0.79
CA SER A 424 -7.77 -25.15 0.05
C SER A 424 -8.29 -23.74 0.26
N PRO A 425 -8.46 -23.24 1.49
CA PRO A 425 -9.02 -21.89 1.65
C PRO A 425 -8.24 -20.81 0.91
N ALA A 426 -6.91 -20.93 0.83
CA ALA A 426 -6.11 -19.95 0.10
C ALA A 426 -6.38 -19.99 -1.40
N LEU A 427 -6.48 -21.21 -1.97
CA LEU A 427 -6.80 -21.34 -3.40
C LEU A 427 -8.20 -20.79 -3.70
N MET A 428 -9.20 -21.18 -2.92
CA MET A 428 -10.53 -20.60 -3.07
C MET A 428 -10.47 -19.07 -3.04
N HIS A 429 -9.72 -18.52 -2.08
CA HIS A 429 -9.58 -17.06 -2.01
C HIS A 429 -9.07 -16.50 -3.32
N ILE A 430 -8.00 -17.10 -3.89
CA ILE A 430 -7.49 -16.65 -5.18
C ILE A 430 -8.61 -16.66 -6.22
N TYR A 431 -9.29 -17.81 -6.37
CA TYR A 431 -10.37 -17.92 -7.35
C TYR A 431 -11.39 -16.79 -7.20
N TYR A 432 -11.74 -16.43 -5.97
CA TYR A 432 -12.77 -15.42 -5.80
C TYR A 432 -12.24 -14.01 -5.90
N TYR A 433 -10.94 -13.81 -5.72
CA TYR A 433 -10.34 -12.47 -5.67
C TYR A 433 -10.18 -11.92 -7.09
N LYS A 434 -11.31 -11.81 -7.77
CA LYS A 434 -11.35 -11.34 -9.15
C LYS A 434 -11.09 -9.84 -9.16
N SER A 435 -9.92 -9.48 -8.68
CA SER A 435 -9.52 -8.09 -8.60
C SER A 435 -9.46 -7.48 -9.99
N SER A 436 -9.62 -6.18 -10.05
CA SER A 436 -9.54 -5.52 -11.35
C SER A 436 -8.37 -4.54 -11.37
N THR A 437 -8.13 -3.99 -12.55
CA THR A 437 -7.07 -3.00 -12.75
C THR A 437 -7.35 -1.73 -11.95
N VAL A 438 -6.28 -0.96 -11.67
CA VAL A 438 -6.45 0.36 -11.05
C VAL A 438 -7.47 1.18 -11.81
N PHE A 439 -7.23 1.40 -13.10
CA PHE A 439 -8.13 2.08 -14.03
C PHE A 439 -8.56 1.12 -15.14
N THR A 440 -9.44 1.62 -16.01
CA THR A 440 -9.90 0.94 -17.20
C THR A 440 -9.11 1.43 -18.40
N SER A 441 -9.08 0.61 -19.48
CA SER A 441 -8.37 1.01 -20.69
C SER A 441 -8.82 2.38 -21.11
N TYR A 442 -10.12 2.63 -21.00
CA TYR A 442 -10.67 3.91 -21.44
C TYR A 442 -10.04 5.06 -20.67
N GLU A 443 -9.91 4.90 -19.34
CA GLU A 443 -9.28 5.98 -18.57
C GLU A 443 -7.82 6.12 -18.95
N ALA A 444 -7.10 5.01 -19.12
CA ALA A 444 -5.70 5.09 -19.53
C ALA A 444 -5.57 5.74 -20.92
N SER A 445 -6.56 5.56 -21.78
CA SER A 445 -6.55 6.22 -23.09
C SER A 445 -6.82 7.71 -22.96
N ILE A 446 -7.77 8.09 -22.10
CA ILE A 446 -8.05 9.50 -21.85
C ILE A 446 -6.80 10.20 -21.31
N LEU A 447 -6.09 9.54 -20.38
CA LEU A 447 -4.90 10.11 -19.74
C LEU A 447 -3.69 10.14 -20.69
N ASN A 448 -3.63 9.18 -21.62
CA ASN A 448 -2.55 9.18 -22.60
C ASN A 448 -2.77 10.27 -23.67
N ASP A 449 -4.01 10.45 -24.11
CA ASP A 449 -4.30 11.59 -24.98
C ASP A 449 -3.98 12.91 -24.26
N LEU A 450 -4.25 12.99 -22.95
CA LEU A 450 -3.79 14.14 -22.16
C LEU A 450 -2.28 14.30 -22.30
N LYS A 451 -1.54 13.19 -22.26
CA LYS A 451 -0.09 13.27 -22.44
C LYS A 451 0.25 14.00 -23.73
N ASN A 452 -0.43 13.65 -24.83
CA ASN A 452 -0.11 14.33 -26.08
C ASN A 452 -0.69 15.74 -26.19
N LYS A 453 -1.54 16.16 -25.25
CA LYS A 453 -2.11 17.51 -25.26
C LYS A 453 -1.41 18.49 -24.33
N ALA A 454 -1.00 18.04 -23.14
CA ALA A 454 -0.41 18.94 -22.15
C ALA A 454 1.12 18.97 -22.25
N GLN A 455 1.75 19.77 -21.41
CA GLN A 455 3.20 19.86 -21.32
C GLN A 455 3.68 19.05 -20.13
N ARG A 456 4.95 18.67 -20.17
CA ARG A 456 5.56 17.92 -19.08
C ARG A 456 5.62 18.73 -17.80
N GLU A 457 5.62 20.04 -17.91
CA GLU A 457 5.76 20.94 -16.79
C GLU A 457 4.40 21.43 -16.29
N ASP A 458 3.29 20.99 -16.89
CA ASP A 458 1.92 21.30 -16.46
C ASP A 458 1.50 20.43 -15.26
N TYR A 459 0.45 20.89 -14.55
CA TYR A 459 -0.17 20.18 -13.44
C TYR A 459 -1.59 19.74 -13.79
N VAL A 460 -2.02 18.58 -13.28
CA VAL A 460 -3.45 18.27 -13.20
C VAL A 460 -3.83 18.09 -11.73
N VAL A 461 -4.83 18.86 -11.30
CA VAL A 461 -5.41 18.75 -9.97
C VAL A 461 -6.39 17.58 -9.99
N ALA A 462 -6.14 16.59 -9.14
CA ALA A 462 -6.97 15.42 -9.00
C ALA A 462 -6.95 15.04 -7.53
N TRP A 463 -7.68 13.98 -7.18
CA TRP A 463 -7.56 13.39 -5.85
C TRP A 463 -6.30 12.51 -5.79
N TRP A 464 -5.77 12.34 -4.57
CA TRP A 464 -4.44 11.75 -4.42
C TRP A 464 -4.38 10.29 -4.86
N ASP A 465 -5.48 9.54 -4.65
CA ASP A 465 -5.67 8.24 -5.30
C ASP A 465 -5.15 8.16 -6.74
N TYR A 466 -5.34 9.21 -7.52
CA TYR A 466 -5.06 9.16 -8.94
C TYR A 466 -3.72 9.77 -9.32
N GLY A 467 -2.94 10.27 -8.36
CA GLY A 467 -1.73 11.00 -8.71
C GLY A 467 -0.71 10.17 -9.48
N TYR A 468 -0.43 8.95 -8.99
CA TYR A 468 0.57 8.11 -9.65
C TYR A 468 0.12 7.68 -11.04
N PRO A 469 -1.09 7.16 -11.25
CA PRO A 469 -1.48 6.81 -12.63
C PRO A 469 -1.53 8.02 -13.54
N ILE A 470 -2.06 9.15 -13.07
CA ILE A 470 -2.07 10.36 -13.89
C ILE A 470 -0.65 10.75 -14.29
N ARG A 471 0.28 10.73 -13.35
CA ARG A 471 1.65 11.07 -13.75
C ARG A 471 2.23 10.00 -14.67
N TYR A 472 1.77 8.75 -14.53
CA TYR A 472 2.32 7.70 -15.39
C TYR A 472 1.76 7.83 -16.80
N TYR A 473 0.45 7.82 -16.92
CA TYR A 473 -0.16 7.84 -18.24
C TYR A 473 0.01 9.19 -18.91
N SER A 474 -0.01 10.29 -18.15
CA SER A 474 0.02 11.63 -18.76
C SER A 474 1.34 12.36 -18.67
N ASP A 475 2.26 11.91 -17.81
CA ASP A 475 3.55 12.56 -17.63
C ASP A 475 3.37 14.06 -17.41
N VAL A 476 2.69 14.37 -16.31
CA VAL A 476 2.53 15.75 -15.87
C VAL A 476 2.88 15.83 -14.40
N LYS A 477 2.55 16.94 -13.76
CA LYS A 477 2.76 17.11 -12.34
C LYS A 477 1.41 17.07 -11.62
N THR A 478 1.43 16.65 -10.36
CA THR A 478 0.24 16.56 -9.53
C THR A 478 0.45 17.34 -8.25
N LEU A 479 -0.66 17.67 -7.59
CA LEU A 479 -0.57 18.29 -6.27
C LEU A 479 -0.37 17.24 -5.18
N ILE A 480 -1.01 16.08 -5.31
CA ILE A 480 -0.97 15.06 -4.27
C ILE A 480 -0.97 13.70 -4.94
N ASP A 481 -0.45 12.71 -4.23
CA ASP A 481 -0.38 11.34 -4.73
C ASP A 481 -0.33 10.39 -3.53
N GLY A 482 -0.03 9.12 -3.79
CA GLY A 482 -0.08 8.13 -2.72
C GLY A 482 0.85 8.39 -1.57
N GLY A 483 1.94 9.13 -1.80
CA GLY A 483 2.91 9.39 -0.75
C GLY A 483 2.95 10.83 -0.29
N LYS A 484 2.22 11.70 -0.99
CA LYS A 484 1.96 13.08 -0.57
C LYS A 484 0.44 13.20 -0.46
N HIS A 485 -0.10 12.85 0.74
CA HIS A 485 -1.56 12.90 0.94
C HIS A 485 -1.95 13.14 2.40
N LEU A 486 -1.17 13.92 3.13
CA LEU A 486 -1.65 14.36 4.44
C LEU A 486 -2.76 15.39 4.25
N GLY A 487 -3.47 15.68 5.34
CA GLY A 487 -4.48 16.73 5.31
C GLY A 487 -3.97 18.01 4.72
N LYS A 488 -2.83 18.48 5.23
CA LYS A 488 -2.26 19.72 4.70
C LYS A 488 -1.98 19.61 3.19
N ASP A 489 -1.75 18.40 2.69
CA ASP A 489 -1.52 18.23 1.27
C ASP A 489 -2.83 18.17 0.51
N ASN A 490 -3.76 17.36 1.00
CA ASN A 490 -5.02 17.11 0.35
C ASN A 490 -5.93 18.32 0.27
N PHE A 491 -5.73 19.31 1.15
CA PHE A 491 -6.72 20.37 1.30
C PHE A 491 -7.04 21.02 -0.03
N PHE A 492 -6.01 21.32 -0.83
CA PHE A 492 -6.18 22.07 -2.06
C PHE A 492 -7.02 21.30 -3.09
N SER A 493 -6.73 20.03 -3.30
CA SER A 493 -7.53 19.31 -4.28
C SER A 493 -8.95 19.10 -3.77
N SER A 494 -9.09 18.85 -2.46
CA SER A 494 -10.42 18.76 -1.87
C SER A 494 -11.23 20.03 -2.16
N PHE A 495 -10.65 21.18 -1.85
CA PHE A 495 -11.27 22.47 -2.13
C PHE A 495 -11.60 22.63 -3.61
N VAL A 496 -10.66 22.33 -4.49
CA VAL A 496 -10.91 22.54 -5.92
C VAL A 496 -12.09 21.68 -6.38
N LEU A 497 -12.16 20.45 -5.88
CA LEU A 497 -13.18 19.53 -6.37
C LEU A 497 -14.54 19.71 -5.71
N SER A 498 -14.60 20.25 -4.49
CA SER A 498 -15.87 20.26 -3.78
C SER A 498 -16.45 21.65 -3.53
N LYS A 499 -15.75 22.71 -3.88
CA LYS A 499 -16.32 24.04 -3.70
C LYS A 499 -16.93 24.50 -5.02
N GLU A 500 -17.50 25.70 -5.01
CA GLU A 500 -18.05 26.22 -6.24
C GLU A 500 -16.93 26.69 -7.16
N GLN A 501 -17.30 27.05 -8.39
CA GLN A 501 -16.32 27.13 -9.46
C GLN A 501 -15.42 28.36 -9.32
N ILE A 502 -15.99 29.51 -8.97
CA ILE A 502 -15.20 30.75 -8.83
C ILE A 502 -14.05 30.51 -7.84
N PRO A 503 -14.31 30.10 -6.59
CA PRO A 503 -13.18 29.87 -5.67
C PRO A 503 -12.41 28.61 -5.96
N ALA A 504 -13.02 27.62 -6.64
CA ALA A 504 -12.25 26.44 -7.01
C ALA A 504 -11.16 26.79 -8.02
N ALA A 505 -11.45 27.69 -8.97
CA ALA A 505 -10.47 28.08 -9.97
C ALA A 505 -9.41 29.00 -9.38
N ASN A 506 -9.83 29.93 -8.51
CA ASN A 506 -8.83 30.67 -7.75
C ASN A 506 -7.90 29.73 -7.00
N MET A 507 -8.46 28.66 -6.40
CA MET A 507 -7.62 27.76 -5.64
C MET A 507 -6.75 26.90 -6.53
N ALA A 508 -7.22 26.56 -7.73
CA ALA A 508 -6.40 25.72 -8.59
C ALA A 508 -5.16 26.48 -9.04
N ARG A 509 -5.34 27.73 -9.47
CA ARG A 509 -4.17 28.53 -9.82
C ARG A 509 -3.24 28.71 -8.62
N LEU A 510 -3.79 29.16 -7.48
CA LEU A 510 -2.94 29.48 -6.33
C LEU A 510 -2.25 28.25 -5.78
N SER A 511 -2.95 27.13 -5.71
CA SER A 511 -2.35 25.93 -5.14
C SER A 511 -1.24 25.39 -6.04
N VAL A 512 -1.46 25.34 -7.36
CA VAL A 512 -0.39 24.84 -8.22
C VAL A 512 0.82 25.78 -8.15
N GLU A 513 0.58 27.08 -8.22
CA GLU A 513 1.68 28.02 -8.19
C GLU A 513 2.45 27.95 -6.87
N TYR A 514 1.74 27.86 -5.75
CA TYR A 514 2.43 27.86 -4.47
C TYR A 514 3.14 26.54 -4.22
N THR A 515 2.62 25.43 -4.72
CA THR A 515 3.37 24.17 -4.65
C THR A 515 4.69 24.30 -5.38
N GLU A 516 4.63 24.75 -6.64
CA GLU A 516 5.84 24.97 -7.41
C GLU A 516 6.82 25.89 -6.66
N LYS A 517 6.33 26.98 -6.06
CA LYS A 517 7.20 27.85 -5.27
C LYS A 517 7.80 27.11 -4.07
N SER A 518 7.02 26.22 -3.46
CA SER A 518 7.46 25.55 -2.25
C SER A 518 8.64 24.64 -2.53
N PHE A 519 8.81 24.22 -3.78
CA PHE A 519 10.05 23.51 -4.10
C PHE A 519 11.28 24.40 -3.88
N LYS A 520 11.16 25.71 -4.09
CA LYS A 520 12.28 26.64 -3.88
C LYS A 520 12.27 27.28 -2.49
N GLU A 521 11.17 27.18 -1.73
CA GLU A 521 11.04 27.94 -0.50
C GLU A 521 10.75 27.10 0.75
N ASN A 522 10.36 25.84 0.60
CA ASN A 522 10.12 24.93 1.73
C ASN A 522 9.23 25.57 2.78
N TYR A 523 7.96 25.76 2.40
CA TYR A 523 6.96 26.18 3.37
C TYR A 523 6.61 24.99 4.24
N PRO A 524 6.68 25.12 5.55
CA PRO A 524 6.13 24.04 6.39
C PRO A 524 4.63 23.83 6.16
N ASP A 525 3.89 24.88 5.81
CA ASP A 525 2.49 24.78 5.44
C ASP A 525 2.26 25.67 4.23
N VAL A 526 1.78 25.08 3.14
CA VAL A 526 1.60 25.84 1.90
C VAL A 526 0.44 26.81 2.05
N LEU A 527 -0.66 26.35 2.64
CA LEU A 527 -1.76 27.25 2.92
C LEU A 527 -1.31 28.39 3.82
N LYS A 528 -0.42 28.11 4.79
CA LYS A 528 0.03 29.16 5.69
C LYS A 528 0.85 30.20 4.95
N ALA A 529 1.63 29.80 3.95
CA ALA A 529 2.32 30.77 3.10
C ALA A 529 1.30 31.58 2.28
N MET A 530 0.28 30.91 1.75
CA MET A 530 -0.76 31.64 1.03
C MET A 530 -1.41 32.69 1.92
N VAL A 531 -1.87 32.28 3.11
CA VAL A 531 -2.53 33.21 4.03
C VAL A 531 -1.60 34.36 4.37
N LYS A 532 -0.42 34.04 4.90
CA LYS A 532 0.48 35.08 5.40
C LYS A 532 1.18 35.82 4.29
N ASP A 533 0.80 35.57 3.03
CA ASP A 533 1.21 36.38 1.89
C ASP A 533 0.18 37.43 1.51
N TYR A 534 -1.09 37.03 1.40
CA TYR A 534 -2.16 37.94 0.98
C TYR A 534 -2.70 38.79 2.14
N GLN A 535 -1.87 39.02 3.16
CA GLN A 535 -2.18 39.94 4.26
C GLN A 535 -3.54 39.63 4.88
N LYS A 536 -3.83 38.35 5.09
CA LYS A 536 -5.06 37.91 5.73
C LYS A 536 -4.79 37.48 7.17
N THR A 537 -5.88 37.45 7.97
CA THR A 537 -5.77 37.22 9.40
C THR A 537 -5.85 35.75 9.78
N SER A 538 -6.66 34.96 9.09
CA SER A 538 -6.78 33.56 9.42
C SER A 538 -6.93 32.76 8.13
N ALA A 539 -6.99 31.44 8.29
CA ALA A 539 -7.31 30.62 7.14
C ALA A 539 -8.71 30.92 6.63
N LYS A 540 -9.70 31.00 7.52
CA LYS A 540 -11.07 31.25 7.09
C LYS A 540 -11.17 32.57 6.33
N ASP A 541 -10.49 33.61 6.84
CA ASP A 541 -10.51 34.92 6.21
C ASP A 541 -10.05 34.85 4.76
N PHE A 542 -8.89 34.23 4.53
CA PHE A 542 -8.34 34.09 3.18
C PHE A 542 -9.25 33.25 2.28
N LEU A 543 -9.70 32.10 2.80
CA LEU A 543 -10.53 31.22 1.98
C LEU A 543 -11.83 31.90 1.60
N GLU A 544 -12.41 32.68 2.52
CA GLU A 544 -13.64 33.39 2.19
C GLU A 544 -13.36 34.47 1.18
N SER A 545 -12.16 35.06 1.21
CA SER A 545 -11.85 36.01 0.15
C SER A 545 -11.65 35.33 -1.19
N LEU A 546 -11.41 34.01 -1.23
CA LEU A 546 -11.35 33.36 -2.54
C LEU A 546 -12.71 33.30 -3.25
N ASN A 547 -13.81 33.59 -2.56
CA ASN A 547 -15.16 33.54 -3.15
C ASN A 547 -15.47 34.75 -3.99
N ASP A 548 -14.50 35.64 -4.21
CA ASP A 548 -14.74 36.93 -4.80
C ASP A 548 -14.46 36.90 -6.30
N PRO A 549 -15.45 37.18 -7.16
CA PRO A 549 -15.17 37.23 -8.60
C PRO A 549 -14.22 38.33 -8.99
N ASN A 550 -13.96 39.29 -8.10
CA ASN A 550 -12.92 40.31 -8.33
C ASN A 550 -11.67 40.01 -7.51
N PHE A 551 -11.15 38.78 -7.60
CA PHE A 551 -9.97 38.40 -6.84
C PHE A 551 -8.70 38.71 -7.61
N LYS A 552 -7.81 39.47 -6.98
CA LYS A 552 -6.48 39.75 -7.53
C LYS A 552 -5.60 38.52 -7.42
N ILE A 553 -4.82 38.24 -8.47
CA ILE A 553 -3.96 37.06 -8.52
C ILE A 553 -2.54 37.56 -8.81
N ASP A 554 -1.78 37.85 -7.75
CA ASP A 554 -0.44 38.42 -7.90
C ASP A 554 0.63 37.38 -8.25
N THR A 555 0.29 36.10 -8.25
CA THR A 555 1.21 35.06 -8.69
C THR A 555 1.10 34.91 -10.21
N PRO A 556 2.17 35.09 -10.97
CA PRO A 556 2.07 34.96 -12.43
C PRO A 556 1.93 33.49 -12.84
N LYS A 557 1.46 33.30 -14.08
CA LYS A 557 1.16 31.98 -14.60
C LYS A 557 2.40 31.39 -15.26
N THR A 558 2.81 30.23 -14.76
CA THR A 558 4.04 29.55 -15.17
C THR A 558 3.79 28.23 -15.89
N ARG A 559 2.53 27.82 -16.04
CA ARG A 559 2.17 26.52 -16.62
C ARG A 559 0.64 26.48 -16.76
N ASP A 560 0.16 25.50 -17.52
CA ASP A 560 -1.26 25.20 -17.52
C ASP A 560 -1.66 24.38 -16.29
N VAL A 561 -2.92 24.52 -15.89
CA VAL A 561 -3.50 23.77 -14.77
C VAL A 561 -4.74 23.09 -15.30
N TYR A 562 -4.69 21.77 -15.38
CA TYR A 562 -5.81 20.91 -15.74
C TYR A 562 -6.51 20.37 -14.49
N ILE A 563 -7.79 20.08 -14.58
CA ILE A 563 -8.55 19.44 -13.51
C ILE A 563 -9.15 18.16 -14.05
N TYR A 564 -8.90 17.04 -13.35
CA TYR A 564 -9.29 15.71 -13.80
C TYR A 564 -10.48 15.25 -12.99
N MET A 565 -11.59 14.92 -13.66
CA MET A 565 -12.84 14.60 -12.96
C MET A 565 -13.38 13.28 -13.52
N PRO A 566 -13.01 12.15 -12.92
CA PRO A 566 -13.51 10.85 -13.37
C PRO A 566 -14.79 10.44 -12.66
N TYR A 567 -15.59 9.66 -13.38
CA TYR A 567 -16.86 9.17 -12.83
C TYR A 567 -16.64 8.38 -11.55
N ARG A 568 -15.61 7.55 -11.51
CA ARG A 568 -15.35 6.73 -10.34
C ARG A 568 -15.08 7.56 -9.07
N MET A 569 -14.88 8.87 -9.17
CA MET A 569 -14.75 9.67 -7.95
C MET A 569 -16.08 9.84 -7.24
N LEU A 570 -17.19 9.74 -7.96
CA LEU A 570 -18.52 9.93 -7.39
C LEU A 570 -18.67 9.27 -6.02
N ARG A 571 -18.41 7.96 -5.92
CA ARG A 571 -18.77 7.26 -4.68
C ARG A 571 -17.86 7.63 -3.51
N ILE A 572 -16.68 8.19 -3.76
CA ILE A 572 -15.87 8.68 -2.67
C ILE A 572 -15.95 10.19 -2.50
N MET A 573 -16.90 10.86 -3.19
CA MET A 573 -17.04 12.32 -3.08
C MET A 573 -17.20 12.82 -1.66
N PRO A 574 -18.05 12.24 -0.81
CA PRO A 574 -18.15 12.80 0.55
C PRO A 574 -16.84 12.72 1.31
N VAL A 575 -16.07 11.65 1.12
CA VAL A 575 -14.77 11.58 1.79
C VAL A 575 -13.84 12.64 1.25
N VAL A 576 -13.75 12.79 -0.08
CA VAL A 576 -13.01 13.91 -0.65
C VAL A 576 -13.47 15.22 -0.02
N ALA A 577 -14.80 15.42 0.02
CA ALA A 577 -15.30 16.70 0.50
C ALA A 577 -14.86 16.93 1.92
N GLN A 578 -14.73 15.84 2.70
CA GLN A 578 -14.50 15.97 4.13
C GLN A 578 -13.25 16.79 4.40
N PHE A 579 -12.26 16.75 3.50
CA PHE A 579 -11.02 17.46 3.82
C PHE A 579 -11.20 18.97 3.79
N ALA A 580 -11.88 19.50 2.77
CA ALA A 580 -12.03 20.95 2.76
C ALA A 580 -13.21 21.41 3.63
N ASN A 581 -14.05 20.48 4.08
CA ASN A 581 -15.06 20.76 5.07
C ASN A 581 -14.49 21.07 6.44
N THR A 582 -13.17 21.16 6.58
CA THR A 582 -12.55 21.30 7.90
C THR A 582 -11.88 22.65 7.98
N ASN A 583 -12.30 23.46 8.94
CA ASN A 583 -11.76 24.79 9.21
C ASN A 583 -10.30 24.69 9.63
N PRO A 584 -9.36 25.16 8.80
CA PRO A 584 -7.94 25.03 9.16
C PRO A 584 -7.55 25.78 10.42
N ASP A 585 -8.22 26.88 10.74
CA ASP A 585 -7.97 27.56 12.01
C ASP A 585 -8.39 26.71 13.20
N ASN A 586 -9.21 25.72 12.98
CA ASN A 586 -9.99 25.04 14.00
C ASN A 586 -9.68 23.57 14.14
N GLY A 587 -9.49 22.88 13.00
CA GLY A 587 -9.70 21.47 12.94
C GLY A 587 -11.16 21.07 12.93
N GLU A 588 -12.09 22.02 13.01
CA GLU A 588 -13.51 21.74 13.23
C GLU A 588 -14.28 21.49 11.93
N GLN A 589 -15.20 20.53 11.97
CA GLN A 589 -16.04 20.26 10.80
C GLN A 589 -17.06 21.37 10.62
N GLU A 590 -17.37 21.72 9.37
CA GLU A 590 -18.18 22.90 9.09
C GLU A 590 -19.63 22.57 8.77
N LYS A 591 -19.87 21.67 7.80
CA LYS A 591 -21.19 21.21 7.39
C LYS A 591 -21.26 19.69 7.54
N SER A 592 -22.47 19.12 7.38
CA SER A 592 -22.66 17.72 7.73
C SER A 592 -22.44 16.75 6.58
N LEU A 593 -22.55 17.17 5.32
CA LEU A 593 -22.29 16.26 4.19
C LEU A 593 -23.23 15.04 4.19
N PHE A 594 -24.29 15.11 3.39
CA PHE A 594 -25.22 14.01 3.17
C PHE A 594 -24.99 13.50 1.75
N PHE A 595 -24.61 12.22 1.63
CA PHE A 595 -24.29 11.71 0.30
C PHE A 595 -24.32 10.19 0.31
N SER A 596 -24.78 9.59 -0.79
CA SER A 596 -24.52 8.18 -1.06
C SER A 596 -24.96 7.88 -2.49
N GLN A 597 -24.33 6.87 -3.08
CA GLN A 597 -24.66 6.40 -4.41
C GLN A 597 -25.04 4.93 -4.35
N ALA A 598 -26.13 4.55 -5.01
CA ALA A 598 -26.55 3.15 -4.98
C ALA A 598 -27.33 2.81 -6.24
N ASN A 599 -27.40 1.51 -6.52
CA ASN A 599 -28.03 0.90 -7.69
C ASN A 599 -29.39 0.33 -7.33
N PRO A 600 -30.42 0.52 -8.14
CA PRO A 600 -31.67 -0.17 -7.87
C PRO A 600 -31.44 -1.65 -7.89
N LEU A 601 -32.21 -2.37 -7.07
CA LEU A 601 -32.21 -3.83 -7.21
C LEU A 601 -32.96 -4.25 -8.48
N ASP A 602 -34.02 -3.50 -8.83
CA ASP A 602 -34.62 -3.38 -10.16
C ASP A 602 -35.86 -2.48 -10.05
N GLN A 603 -37.04 -3.04 -10.34
CA GLN A 603 -38.32 -2.35 -10.21
C GLN A 603 -39.43 -3.40 -10.29
N ASP A 604 -40.57 -3.10 -9.66
CA ASP A 604 -41.77 -3.93 -9.72
C ASP A 604 -42.22 -4.19 -11.15
N GLY A 608 -42.73 -0.05 -8.73
CA GLY A 608 -43.21 -0.04 -7.37
C GLY A 608 -42.15 0.08 -6.28
N SER A 609 -41.84 1.32 -5.87
CA SER A 609 -40.96 1.61 -4.72
C SER A 609 -39.61 0.92 -4.81
N ILE A 610 -38.58 1.69 -5.18
CA ILE A 610 -37.25 1.18 -5.47
C ILE A 610 -36.44 1.09 -4.18
N THR A 611 -35.56 0.08 -4.07
CA THR A 611 -34.92 -0.21 -2.79
C THR A 611 -33.44 0.15 -2.69
N LEU A 612 -32.63 -0.02 -3.74
CA LEU A 612 -31.21 0.39 -3.72
C LEU A 612 -30.35 -0.45 -2.77
N ASP A 613 -29.04 -0.49 -3.05
CA ASP A 613 -28.10 -1.26 -2.23
C ASP A 613 -28.18 -0.86 -0.77
N ASN A 614 -28.17 0.43 -0.49
CA ASN A 614 -28.02 0.94 0.86
C ASN A 614 -29.32 0.90 1.66
N GLY A 615 -30.28 0.09 1.26
CA GLY A 615 -31.52 0.00 1.99
C GLY A 615 -32.43 1.20 1.87
N VAL A 616 -32.06 2.19 1.07
CA VAL A 616 -32.86 3.40 0.92
C VAL A 616 -34.00 3.13 -0.07
N GLU A 617 -35.23 3.12 0.44
CA GLU A 617 -36.41 2.96 -0.41
C GLU A 617 -36.71 4.29 -1.11
N ILE A 618 -36.76 4.27 -2.45
CA ILE A 618 -37.19 5.42 -3.22
C ILE A 618 -38.70 5.32 -3.41
N SER A 619 -39.40 6.44 -3.18
CA SER A 619 -40.84 6.48 -3.29
C SER A 619 -41.29 6.14 -4.72
N ASN A 620 -42.42 5.42 -4.83
CA ASN A 620 -43.11 5.29 -6.12
C ASN A 620 -43.34 6.66 -6.75
N ASP A 621 -43.80 7.61 -5.92
CA ASP A 621 -44.00 9.00 -6.29
C ASP A 621 -42.77 9.65 -6.92
N TYR A 622 -41.58 9.13 -6.59
CA TYR A 622 -40.30 9.84 -6.81
C TYR A 622 -40.32 11.19 -6.13
N ARG A 623 -40.85 11.23 -4.91
CA ARG A 623 -40.96 12.46 -4.13
C ARG A 623 -40.40 12.38 -2.72
N SER A 624 -40.05 11.19 -2.22
CA SER A 624 -39.52 11.06 -0.88
C SER A 624 -38.59 9.85 -0.81
N LEU A 625 -37.71 9.87 0.19
CA LEU A 625 -36.87 8.73 0.50
C LEU A 625 -37.31 8.10 1.82
N LYS A 626 -36.78 6.93 2.09
CA LYS A 626 -37.06 6.24 3.35
C LYS A 626 -35.74 5.61 3.80
N ILE A 627 -34.95 6.38 4.53
CA ILE A 627 -33.70 5.92 5.10
C ILE A 627 -33.95 5.52 6.54
N GLU A 628 -33.59 4.29 6.88
CA GLU A 628 -33.62 3.84 8.28
C GLU A 628 -35.00 4.09 8.90
N GLY A 629 -36.05 3.78 8.16
CA GLY A 629 -37.40 3.93 8.67
C GLY A 629 -37.96 5.34 8.66
N ASN A 630 -37.14 6.34 8.35
CA ASN A 630 -37.59 7.73 8.31
C ASN A 630 -37.75 8.19 6.86
N SER A 631 -38.92 8.74 6.56
CA SER A 631 -39.25 9.25 5.23
C SER A 631 -38.89 10.74 5.16
N ILE A 632 -38.10 11.11 4.15
CA ILE A 632 -37.63 12.48 4.09
C ILE A 632 -37.98 13.07 2.71
N PRO A 633 -38.53 14.28 2.66
CA PRO A 633 -38.98 14.81 1.38
C PRO A 633 -37.81 15.25 0.52
N LEU A 634 -38.04 15.21 -0.79
CA LEU A 634 -37.04 15.60 -1.78
C LEU A 634 -37.29 17.03 -2.24
N LYS A 635 -36.20 17.77 -2.43
CA LYS A 635 -36.29 19.07 -3.07
C LYS A 635 -36.44 18.94 -4.58
N ALA A 636 -35.82 17.94 -5.18
CA ALA A 636 -35.82 17.85 -6.63
C ALA A 636 -35.30 16.49 -7.06
N PHE A 637 -35.84 16.02 -8.19
CA PHE A 637 -35.39 14.78 -8.84
C PHE A 637 -34.76 15.16 -10.18
N VAL A 638 -33.45 14.98 -10.29
CA VAL A 638 -32.69 15.35 -11.47
C VAL A 638 -32.43 14.07 -12.26
N ASP A 639 -33.05 13.97 -13.45
CA ASP A 639 -32.97 12.77 -14.30
C ASP A 639 -32.00 13.04 -15.45
N ILE A 640 -30.81 12.45 -15.39
CA ILE A 640 -29.68 12.81 -16.25
C ILE A 640 -29.54 11.80 -17.38
N GLU A 641 -29.83 12.21 -18.62
CA GLU A 641 -29.69 11.24 -19.70
C GLU A 641 -28.37 11.32 -20.45
N SER A 642 -27.62 12.42 -20.34
CA SER A 642 -26.35 12.52 -21.05
C SER A 642 -25.37 13.33 -20.22
N ILE A 643 -24.38 12.64 -19.64
CA ILE A 643 -23.34 13.33 -18.89
C ILE A 643 -22.51 14.24 -19.81
N THR A 644 -22.25 13.79 -21.03
CA THR A 644 -21.45 14.59 -21.97
C THR A 644 -22.25 15.72 -22.60
N ASN A 645 -23.47 15.45 -23.07
CA ASN A 645 -24.32 16.50 -23.62
C ASN A 645 -24.84 17.46 -22.57
N GLY A 646 -24.69 17.13 -21.29
CA GLY A 646 -25.37 17.89 -20.26
C GLY A 646 -26.87 17.98 -20.47
N LYS A 647 -27.49 16.88 -20.95
CA LYS A 647 -28.94 16.82 -21.12
C LYS A 647 -29.56 16.14 -19.90
N PHE A 648 -30.31 16.93 -19.10
CA PHE A 648 -30.94 16.42 -17.89
C PHE A 648 -32.26 17.14 -17.63
N TYR A 649 -33.06 16.57 -16.74
CA TYR A 649 -34.43 17.00 -16.44
C TYR A 649 -34.56 17.28 -14.94
N TYR A 650 -34.63 18.56 -14.58
CA TYR A 650 -34.67 18.99 -13.19
C TYR A 650 -36.14 19.08 -12.78
N ASN A 651 -36.61 18.08 -12.02
CA ASN A 651 -38.00 18.06 -11.55
C ASN A 651 -38.07 18.69 -10.16
N GLU A 652 -38.65 19.89 -10.07
CA GLU A 652 -38.94 20.51 -8.79
C GLU A 652 -39.94 19.67 -8.03
N ILE A 653 -39.73 19.52 -6.72
CA ILE A 653 -40.67 18.79 -5.88
C ILE A 653 -41.14 19.64 -4.72
N ASP A 654 -40.21 20.12 -3.91
CA ASP A 654 -40.54 20.80 -2.66
C ASP A 654 -39.48 21.87 -2.43
N SER A 655 -39.85 23.13 -2.67
CA SER A 655 -38.94 24.23 -2.37
C SER A 655 -38.58 24.26 -0.90
N LYS A 656 -39.43 23.68 -0.04
CA LYS A 656 -39.16 23.71 1.39
C LYS A 656 -38.21 22.60 1.84
N ALA A 657 -37.85 21.65 0.97
CA ALA A 657 -37.03 20.51 1.33
C ALA A 657 -35.57 20.80 0.98
N GLN A 658 -34.69 19.86 1.31
CA GLN A 658 -33.29 20.17 1.17
C GLN A 658 -32.42 19.08 0.53
N ILE A 659 -32.94 17.89 0.22
CA ILE A 659 -32.14 16.79 -0.34
C ILE A 659 -32.47 16.57 -1.82
N TYR A 660 -31.45 16.33 -2.63
CA TYR A 660 -31.56 16.03 -4.06
C TYR A 660 -31.39 14.54 -4.36
N LEU A 661 -32.21 14.04 -5.29
CA LEU A 661 -32.07 12.71 -5.86
C LEU A 661 -31.68 12.82 -7.34
N LEU A 662 -30.60 12.14 -7.73
CA LEU A 662 -30.10 12.15 -9.09
C LEU A 662 -30.19 10.74 -9.68
N TYR A 663 -30.71 10.63 -10.90
CA TYR A 663 -30.64 9.36 -11.62
C TYR A 663 -29.67 9.49 -12.78
N LEU A 664 -28.73 8.56 -12.84
CA LEU A 664 -27.73 8.47 -13.90
C LEU A 664 -28.20 7.36 -14.84
N ARG A 665 -28.86 7.77 -15.93
CA ARG A 665 -29.35 6.79 -16.91
C ARG A 665 -28.20 6.01 -17.51
N GLU A 666 -27.14 6.71 -17.90
CA GLU A 666 -26.03 6.04 -18.57
C GLU A 666 -25.32 5.05 -17.67
N TYR A 667 -25.61 5.04 -16.36
CA TYR A 667 -25.04 4.05 -15.45
C TYR A 667 -26.09 3.25 -14.69
N LYS A 668 -27.37 3.57 -14.86
CA LYS A 668 -28.45 3.03 -14.04
C LYS A 668 -28.12 3.16 -12.55
N SER A 669 -27.78 4.39 -12.13
CA SER A 669 -27.37 4.62 -10.74
C SER A 669 -28.13 5.80 -10.14
N TYR A 670 -28.21 5.85 -8.81
CA TYR A 670 -28.85 6.94 -8.08
C TYR A 670 -27.88 7.61 -7.11
N VAL A 671 -28.01 8.91 -6.97
CA VAL A 671 -27.23 9.68 -6.01
C VAL A 671 -28.18 10.42 -5.09
N ILE A 672 -27.85 10.44 -3.81
CA ILE A 672 -28.59 11.16 -2.78
C ILE A 672 -27.62 12.17 -2.17
N LEU A 673 -27.88 13.47 -2.36
CA LEU A 673 -26.94 14.47 -1.84
C LEU A 673 -27.68 15.72 -1.37
N ASP A 674 -26.93 16.61 -0.71
CA ASP A 674 -27.48 17.86 -0.20
C ASP A 674 -27.14 19.03 -1.12
N GLU A 675 -27.58 20.23 -0.73
CA GLU A 675 -27.35 21.41 -1.57
C GLU A 675 -25.87 21.71 -1.72
N SER A 676 -25.11 21.53 -0.64
CA SER A 676 -23.70 21.90 -0.68
C SER A 676 -22.92 21.05 -1.68
N LEU A 677 -23.19 19.74 -1.71
CA LEU A 677 -22.48 18.88 -2.64
C LEU A 677 -23.03 19.01 -4.06
N TYR A 678 -24.33 19.29 -4.21
CA TYR A 678 -24.91 19.47 -5.54
C TYR A 678 -24.25 20.64 -6.26
N ASN A 679 -23.90 21.69 -5.54
CA ASN A 679 -23.30 22.86 -6.16
C ASN A 679 -21.80 22.73 -6.35
N SER A 680 -21.19 21.67 -5.82
CA SER A 680 -19.75 21.48 -5.95
C SER A 680 -19.30 21.47 -7.41
N SER A 681 -18.04 21.84 -7.60
CA SER A 681 -17.46 21.86 -8.94
C SER A 681 -17.56 20.51 -9.61
N TYR A 682 -17.40 19.43 -8.86
CA TYR A 682 -17.43 18.10 -9.48
C TYR A 682 -18.81 17.75 -10.00
N ILE A 683 -19.83 17.79 -9.15
CA ILE A 683 -21.18 17.41 -9.54
C ILE A 683 -21.67 18.27 -10.70
N GLN A 684 -21.33 19.57 -10.69
CA GLN A 684 -21.81 20.45 -11.75
C GLN A 684 -21.03 20.25 -13.04
N MET A 685 -19.71 20.33 -12.98
CA MET A 685 -18.91 20.26 -14.20
C MET A 685 -18.83 18.84 -14.77
N PHE A 686 -18.89 17.79 -13.91
CA PHE A 686 -18.93 16.43 -14.44
C PHE A 686 -20.35 15.92 -14.73
N LEU A 687 -21.20 15.80 -13.70
CA LEU A 687 -22.50 15.17 -13.93
C LEU A 687 -23.42 16.00 -14.81
N LEU A 688 -23.49 17.31 -14.59
CA LEU A 688 -24.43 18.18 -15.29
C LEU A 688 -23.79 18.96 -16.42
N ASN A 689 -22.47 18.93 -16.55
CA ASN A 689 -21.76 19.58 -17.64
C ASN A 689 -22.03 21.08 -17.66
N GLN A 690 -22.26 21.68 -16.49
CA GLN A 690 -22.42 23.12 -16.35
C GLN A 690 -21.12 23.69 -15.79
N TYR A 691 -20.39 24.40 -16.63
CA TYR A 691 -19.14 24.99 -16.18
C TYR A 691 -19.07 26.42 -16.70
N ASP A 692 -18.49 27.31 -15.90
CA ASP A 692 -18.25 28.67 -16.33
C ASP A 692 -17.22 28.68 -17.45
N GLN A 693 -17.69 28.92 -18.68
CA GLN A 693 -16.78 28.91 -19.82
C GLN A 693 -15.77 30.05 -19.78
N ASP A 694 -15.98 31.06 -18.93
CA ASP A 694 -14.96 32.07 -18.68
C ASP A 694 -13.84 31.60 -17.78
N LEU A 695 -14.05 30.52 -17.02
CA LEU A 695 -13.05 30.07 -16.06
C LEU A 695 -12.28 28.84 -16.54
N PHE A 696 -12.96 27.91 -17.22
CA PHE A 696 -12.34 26.67 -17.67
C PHE A 696 -12.57 26.45 -19.15
N GLU A 697 -11.64 25.73 -19.77
CA GLU A 697 -11.85 25.14 -21.09
C GLU A 697 -12.01 23.64 -20.94
N GLN A 698 -13.02 23.08 -21.60
CA GLN A 698 -13.20 21.64 -21.60
C GLN A 698 -12.25 21.02 -22.61
N ILE A 699 -11.41 20.11 -22.15
CA ILE A 699 -10.42 19.46 -22.98
C ILE A 699 -10.87 18.07 -23.37
N THR A 700 -11.34 17.29 -22.38
CA THR A 700 -11.93 15.98 -22.67
C THR A 700 -13.33 15.95 -22.09
N ASN A 701 -14.29 15.57 -22.93
CA ASN A 701 -15.68 15.41 -22.50
C ASN A 701 -16.09 13.95 -22.73
N ASP A 702 -15.98 13.11 -21.71
CA ASP A 702 -16.41 11.73 -21.84
C ASP A 702 -17.28 11.31 -20.65
N THR A 703 -18.23 10.40 -20.92
CA THR A 703 -19.05 9.82 -19.88
C THR A 703 -18.24 9.23 -18.72
N ARG A 704 -17.00 8.85 -18.94
CA ARG A 704 -16.21 8.26 -17.88
C ARG A 704 -15.25 9.22 -17.21
N ALA A 705 -15.02 10.40 -17.79
CA ALA A 705 -14.11 11.36 -17.19
C ALA A 705 -14.14 12.65 -18.01
N LYS A 706 -13.91 13.76 -17.32
CA LYS A 706 -13.80 15.06 -17.98
C LYS A 706 -12.51 15.73 -17.56
N ILE A 707 -11.85 16.39 -18.51
CA ILE A 707 -10.65 17.17 -18.20
C ILE A 707 -10.90 18.61 -18.59
N TYR A 708 -10.72 19.50 -17.63
CA TYR A 708 -10.86 20.95 -17.83
C TYR A 708 -9.50 21.63 -17.71
N ARG A 709 -9.37 22.80 -18.34
CA ARG A 709 -8.17 23.63 -18.21
C ARG A 709 -8.54 25.00 -17.70
N LEU A 710 -7.71 25.55 -16.82
CA LEU A 710 -7.91 26.93 -16.38
C LEU A 710 -7.62 27.91 -17.50
N LYS A 711 -7.92 29.19 -17.27
CA LYS A 711 -7.50 30.27 -18.16
C LYS A 711 -7.64 31.66 -17.51
N GLY B 1 -9.34 -3.93 -0.73
CA GLY B 1 -8.79 -3.99 0.62
C GLY B 1 -7.43 -3.35 0.73
N ASP B 2 -6.44 -3.96 0.07
CA ASP B 2 -5.04 -3.52 0.13
C ASP B 2 -4.72 -2.52 -0.99
N GLN B 3 -5.26 -1.33 -0.83
CA GLN B 3 -4.94 -0.24 -1.73
C GLN B 3 -4.61 1.02 -0.95
N ASN B 4 -3.55 1.69 -1.38
CA ASN B 4 -3.30 3.07 -0.99
C ASN B 4 -4.22 3.93 -1.87
N ALA B 5 -5.52 3.79 -1.58
CA ALA B 5 -6.58 4.57 -2.20
C ALA B 5 -7.56 4.96 -1.10
N THR B 6 -8.59 5.72 -1.47
CA THR B 6 -9.55 6.26 -0.53
C THR B 6 -10.79 5.35 -0.28
N PPN B 7 -11.26 5.27 0.96
CA PPN B 7 -12.53 4.59 1.22
C PPN B 7 -13.52 5.37 2.07
O PPN B 7 -13.24 6.22 2.92
CB PPN B 7 -12.47 3.21 1.91
CG PPN B 7 -12.25 3.28 3.36
CD1 PPN B 7 -13.31 3.16 4.26
CD2 PPN B 7 -10.93 3.45 3.82
CE1 PPN B 7 -13.05 3.22 5.63
CE2 PPN B 7 -10.65 3.52 5.19
CZ PPN B 7 -11.73 3.40 6.09
N1 PPN B 7 -11.47 3.46 7.57
O1 PPN B 7 -10.32 3.54 8.00
O2 PPN B 7 -12.43 3.38 8.31
N GLY B 8 -14.78 5.01 1.85
CA GLY B 8 -15.90 5.62 2.56
C GLY B 8 -17.01 6.09 1.65
MN MN C . 1.82 0.38 -1.31
MN MN D . 7.81 13.41 -15.88
C30 9UB E . 5.07 5.03 0.92
C29 9UB E . 5.51 3.60 0.98
C20 9UB E . 4.86 1.67 7.38
C17 9UB E . 5.96 -0.43 8.23
C16 9UB E . 6.93 0.48 9.03
C15 9UB E . 6.89 0.30 10.56
C14 9UB E . 5.53 0.57 11.16
C13 9UB E . 3.93 1.03 12.97
C18 9UB E . 6.05 -1.99 8.28
C12 9UB E . 5.35 0.78 12.45
C11 9UB E . 6.53 0.76 13.47
C09 9UB E . 7.76 -0.59 15.30
C08 9UB E . 9.67 -1.50 16.67
C07 9UB E . 8.68 -1.58 15.48
C06 9UB E . 8.76 -2.79 14.49
C05 9UB E . 8.36 -4.09 15.20
C04 9UB E . 6.87 -4.10 15.53
C03 9UB E . 4.92 -4.14 17.06
C02 9UB E . 6.45 -4.13 16.77
C01 9UB E . 7.46 -4.16 17.93
C10 9UB E . 6.74 -0.62 14.13
C19 9UB E . 4.99 0.13 7.47
O21 9UB E . 4.53 1.95 6.05
P22 9UB E . 5.05 3.37 5.41
O23 9UB E . 3.89 4.32 5.52
O24 9UB E . 6.22 3.90 6.19
O25 9UB E . 5.60 3.19 3.84
P26 9UB E . 4.75 2.70 2.49
O27 9UB E . 4.80 1.20 2.31
O28 9UB E . 3.32 3.13 2.67
O31 9UB E . 5.10 5.66 2.26
C32 9UB E . 6.41 6.17 2.75
C33 9UB E . 6.14 7.22 3.79
O34 9UB E . 5.41 8.26 3.15
C35 9UB E . 7.29 6.78 1.65
O36 9UB E . 8.60 6.99 2.21
C37 9UB E . 7.31 5.90 0.46
O38 9UB E . 8.16 6.41 -0.63
C39 9UB E . 5.95 5.78 -0.06
N40 9UB E . 6.03 5.06 -1.35
C41 9UB E . 4.93 5.26 -2.28
C42 9UB E . 4.97 4.54 -3.64
O43 9UB E . 4.04 5.96 -1.97
NA NA F . -16.35 -6.90 -21.13
#